data_3ILW
#
_entry.id   3ILW
#
_cell.length_a   61.228
_cell.length_b   70.054
_cell.length_c   97.812
_cell.angle_alpha   109.960
_cell.angle_beta   91.160
_cell.angle_gamma   114.160
#
_symmetry.space_group_name_H-M   'P 1'
#
loop_
_entity.id
_entity.type
_entity.pdbx_description
1 polymer 'DNA gyrase subunit A'
2 non-polymer GLYCEROL
3 water water
#
_entity_poly.entity_id   1
_entity_poly.type   'polypeptide(L)'
_entity_poly.pdbx_seq_one_letter_code
;SNASVIVGRALPEVRDGLKPVHRRVLYAMFDSGFRPDRSHAKSARSVAETMGNYHPHGDASIYDSLVRMAQPWSLRYPLV
DGQGNFGSPGNDPPAAMRYTEARLTPLAMEMLREIDEETVDFIPNYDGRVQEPTVLPSRFPNLLANGSGGIAVGMATNIP
PHNLRELADAVFWALENHDADEEETLAAVMGRVKGPDFPTAGLIVGSQGTADAYKTGRGSIRMRGVVEVEEDSRGRTSLV
ITELPYQVNHDNFITSIAEQVRDGKLAGISNIEDQSSDRVGLRIVIEIKRDAVAKVVINNLYKHTQLQTSFGANMLAIVD
GVPRTLRLDQLIRYYVDHQLDVIVRRTTYRLRKANERAHILRGLVKALDALDEVIALIRASETVDIARAGLIELLDIDEI
QAQAILDMQLRRLAALERQRIIDDLAKIEAEIADLEDILAKPERQRGIVRDELAEIVDRHGDDRRTRIIA
;
_entity_poly.pdbx_strand_id   A,B
#
loop_
_chem_comp.id
_chem_comp.type
_chem_comp.name
_chem_comp.formula
GOL non-polymer GLYCEROL 'C3 H8 O3'
#
# COMPACT_ATOMS: atom_id res chain seq x y z
N VAL A 7 15.89 -6.35 19.68
CA VAL A 7 17.31 -5.97 19.62
C VAL A 7 17.69 -5.44 18.25
N GLY A 8 17.29 -6.16 17.20
CA GLY A 8 17.44 -5.63 15.85
C GLY A 8 16.70 -4.32 15.74
N ARG A 9 15.73 -4.13 16.63
CA ARG A 9 14.95 -2.93 16.67
C ARG A 9 15.65 -1.81 17.41
N ALA A 10 16.65 -2.16 18.22
CA ALA A 10 17.26 -1.17 19.10
C ALA A 10 18.67 -0.73 18.64
N LEU A 11 19.31 -1.56 17.82
CA LEU A 11 20.71 -1.34 17.39
C LEU A 11 20.81 -1.22 15.87
N PRO A 12 21.56 -0.23 15.38
CA PRO A 12 21.76 -0.07 13.94
C PRO A 12 22.69 -1.11 13.36
N GLU A 13 22.47 -1.44 12.09
CA GLU A 13 23.48 -2.22 11.37
C GLU A 13 24.72 -1.35 11.08
N VAL A 14 25.92 -1.89 11.22
CA VAL A 14 27.14 -1.06 11.12
C VAL A 14 27.36 -0.57 9.69
N ARG A 15 26.87 -1.32 8.70
CA ARG A 15 27.20 -0.94 7.31
C ARG A 15 26.41 0.26 6.79
N ASP A 16 25.12 0.37 7.12
CA ASP A 16 24.29 1.45 6.58
C ASP A 16 23.68 2.31 7.70
N GLY A 17 23.95 1.98 8.96
CA GLY A 17 23.48 2.81 10.08
C GLY A 17 21.97 2.71 10.31
N LEU A 18 21.27 1.77 9.68
CA LEU A 18 19.79 1.72 9.80
C LEU A 18 19.30 0.56 10.66
N LYS A 19 18.07 0.70 11.13
CA LYS A 19 17.31 -0.40 11.76
C LYS A 19 16.21 -0.77 10.74
N PRO A 20 15.58 -1.94 10.92
CA PRO A 20 14.65 -2.46 9.92
C PRO A 20 13.55 -1.48 9.55
N VAL A 21 12.91 -0.79 10.51
CA VAL A 21 11.76 0.03 10.11
C VAL A 21 12.23 1.21 9.23
N HIS A 22 13.38 1.80 9.55
CA HIS A 22 13.83 2.94 8.76
C HIS A 22 14.27 2.45 7.37
N ARG A 23 14.98 1.32 7.32
CA ARG A 23 15.40 0.76 6.03
C ARG A 23 14.21 0.45 5.13
N ARG A 24 13.15 -0.11 5.71
CA ARG A 24 11.95 -0.51 4.95
C ARG A 24 11.24 0.76 4.45
N VAL A 25 11.16 1.80 5.28
CA VAL A 25 10.51 3.05 4.83
C VAL A 25 11.30 3.63 3.64
N LEU A 26 12.60 3.74 3.77
CA LEU A 26 13.37 4.30 2.66
C LEU A 26 13.26 3.45 1.40
N TYR A 27 13.37 2.15 1.52
CA TYR A 27 13.24 1.25 0.35
C TYR A 27 11.85 1.38 -0.30
N ALA A 28 10.82 1.47 0.52
CA ALA A 28 9.44 1.63 0.00
C ALA A 28 9.31 2.92 -0.79
N MET A 29 9.83 4.01 -0.23
CA MET A 29 9.82 5.30 -0.88
C MET A 29 10.58 5.25 -2.21
N PHE A 30 11.77 4.64 -2.18
CA PHE A 30 12.57 4.54 -3.42
C PHE A 30 11.82 3.74 -4.46
N ASP A 31 11.28 2.59 -4.05
CA ASP A 31 10.64 1.68 -5.04
C ASP A 31 9.37 2.29 -5.60
N SER A 32 8.78 3.21 -4.84
CA SER A 32 7.58 3.95 -5.25
C SER A 32 7.88 5.14 -6.13
N GLY A 33 9.18 5.46 -6.25
CA GLY A 33 9.60 6.57 -7.09
C GLY A 33 9.43 7.92 -6.43
N PHE A 34 9.41 7.94 -5.11
CA PHE A 34 9.28 9.21 -4.39
C PHE A 34 10.64 9.86 -4.21
N ARG A 35 11.18 10.32 -5.33
CA ARG A 35 12.53 10.83 -5.44
C ARG A 35 12.54 12.34 -5.35
N PRO A 36 13.71 12.89 -5.19
CA PRO A 36 13.88 14.32 -4.95
C PRO A 36 13.46 15.17 -6.14
N ASP A 37 13.43 14.56 -7.30
CA ASP A 37 13.26 15.29 -8.55
C ASP A 37 11.79 15.19 -8.98
N ARG A 38 10.94 14.68 -8.09
CA ARG A 38 9.49 14.59 -8.35
C ARG A 38 8.72 15.20 -7.18
N SER A 39 7.45 15.55 -7.41
N SER A 39 7.48 15.64 -7.41
CA SER A 39 6.64 16.20 -6.37
CA SER A 39 6.77 16.30 -6.33
C SER A 39 6.57 15.33 -5.11
C SER A 39 6.64 15.37 -5.13
N HIS A 40 6.49 15.97 -3.96
CA HIS A 40 6.28 15.24 -2.72
C HIS A 40 5.03 14.38 -2.82
N ALA A 41 5.04 13.20 -2.20
CA ALA A 41 3.83 12.34 -2.21
C ALA A 41 3.20 12.40 -0.80
N LYS A 42 1.87 12.28 -0.68
CA LYS A 42 1.33 12.26 0.67
C LYS A 42 2.05 11.21 1.51
N SER A 43 2.29 11.53 2.78
CA SER A 43 3.00 10.60 3.66
C SER A 43 2.25 9.28 3.79
N ALA A 44 0.91 9.37 3.73
CA ALA A 44 0.07 8.16 3.77
C ALA A 44 0.50 7.13 2.75
N ARG A 45 0.95 7.57 1.56
CA ARG A 45 1.39 6.63 0.54
C ARG A 45 2.64 5.85 0.93
N SER A 46 3.62 6.55 1.53
CA SER A 46 4.86 5.88 1.96
C SER A 46 4.54 4.98 3.14
N VAL A 47 3.67 5.43 4.02
CA VAL A 47 3.30 4.57 5.14
C VAL A 47 2.61 3.29 4.65
N ALA A 48 1.61 3.45 3.78
CA ALA A 48 0.88 2.31 3.21
C ALA A 48 1.78 1.32 2.45
N GLU A 49 2.70 1.81 1.62
CA GLU A 49 3.56 0.91 0.84
C GLU A 49 4.43 0.10 1.79
N THR A 50 4.92 0.75 2.85
CA THR A 50 5.73 0.03 3.82
C THR A 50 4.94 -0.98 4.60
N MET A 51 3.75 -0.59 5.02
CA MET A 51 2.93 -1.46 5.85
C MET A 51 2.51 -2.69 5.06
N GLY A 52 2.08 -2.51 3.80
CA GLY A 52 1.56 -3.66 3.05
C GLY A 52 2.64 -4.63 2.63
N ASN A 53 3.86 -4.13 2.39
CA ASN A 53 4.89 -4.98 1.81
C ASN A 53 5.98 -5.44 2.79
N TYR A 54 6.24 -4.63 3.81
CA TYR A 54 7.41 -4.91 4.68
C TYR A 54 7.10 -5.02 6.19
N HIS A 55 6.10 -4.30 6.69
CA HIS A 55 5.90 -4.12 8.16
C HIS A 55 4.40 -4.00 8.48
N PRO A 56 3.70 -5.15 8.51
CA PRO A 56 2.22 -5.20 8.49
C PRO A 56 1.54 -4.99 9.85
N HIS A 57 2.01 -4.03 10.63
CA HIS A 57 1.43 -3.75 11.93
C HIS A 57 0.74 -2.37 11.85
N GLY A 58 -0.34 -2.19 12.58
CA GLY A 58 -1.11 -0.97 12.49
C GLY A 58 -0.60 0.13 13.39
N ASP A 59 0.47 -0.16 14.15
CA ASP A 59 1.04 0.85 15.02
C ASP A 59 1.68 2.00 14.23
N ALA A 60 2.00 3.05 14.95
CA ALA A 60 2.44 4.26 14.31
C ALA A 60 3.94 4.23 14.07
N SER A 61 4.59 3.08 14.19
CA SER A 61 6.03 2.99 14.12
C SER A 61 6.53 3.42 12.75
N ILE A 62 5.75 3.13 11.71
CA ILE A 62 6.18 3.48 10.38
C ILE A 62 6.17 5.00 10.18
N TYR A 63 5.04 5.65 10.49
CA TYR A 63 4.96 7.09 10.30
C TYR A 63 5.90 7.78 11.22
N ASP A 64 6.08 7.24 12.43
CA ASP A 64 7.07 7.83 13.40
C ASP A 64 8.50 7.85 12.79
N SER A 65 8.84 6.75 12.10
CA SER A 65 10.12 6.57 11.41
CA SER A 65 10.14 6.65 11.48
C SER A 65 10.29 7.62 10.32
N LEU A 66 9.29 7.70 9.45
CA LEU A 66 9.30 8.65 8.38
C LEU A 66 9.46 10.09 8.88
N VAL A 67 8.63 10.49 9.87
CA VAL A 67 8.68 11.84 10.43
C VAL A 67 10.08 12.13 11.01
N ARG A 68 10.58 11.23 11.85
CA ARG A 68 11.92 11.47 12.54
C ARG A 68 12.98 11.66 11.47
N MET A 69 12.97 10.90 10.36
CA MET A 69 13.99 11.09 9.31
C MET A 69 13.89 12.38 8.52
N ALA A 70 12.77 13.09 8.67
CA ALA A 70 12.57 14.36 7.98
C ALA A 70 12.94 15.56 8.85
N GLN A 71 13.23 15.33 10.14
CA GLN A 71 13.42 16.48 11.04
C GLN A 71 14.90 16.96 11.08
N PRO A 72 15.15 18.22 10.67
CA PRO A 72 16.53 18.70 10.61
C PRO A 72 17.12 18.90 12.01
N TRP A 73 16.32 18.90 13.07
CA TRP A 73 16.92 18.93 14.42
C TRP A 73 17.24 17.51 14.94
N SER A 74 16.68 16.49 14.29
CA SER A 74 16.89 15.10 14.69
C SER A 74 18.06 14.41 13.94
N LEU A 75 18.11 14.59 12.60
CA LEU A 75 19.16 13.99 11.78
C LEU A 75 20.09 15.06 11.26
N ARG A 76 21.39 14.85 11.50
CA ARG A 76 22.41 15.71 10.95
C ARG A 76 22.32 15.83 9.42
N TYR A 77 21.94 14.73 8.75
CA TYR A 77 21.75 14.70 7.30
C TYR A 77 20.40 13.99 7.03
N PRO A 78 19.33 14.78 7.00
CA PRO A 78 18.00 14.17 6.87
C PRO A 78 17.87 13.28 5.64
N LEU A 79 17.13 12.20 5.79
CA LEU A 79 16.95 11.28 4.68
C LEU A 79 15.59 11.42 4.03
N VAL A 80 14.68 12.10 4.73
CA VAL A 80 13.33 12.40 4.16
C VAL A 80 13.17 13.92 4.05
N ASP A 81 12.57 14.35 2.94
CA ASP A 81 12.26 15.74 2.66
C ASP A 81 10.77 15.85 2.86
N GLY A 82 10.38 16.44 3.99
CA GLY A 82 8.98 16.61 4.36
C GLY A 82 8.43 18.00 3.98
N GLN A 83 7.13 18.06 3.66
CA GLN A 83 6.40 19.32 3.49
C GLN A 83 5.19 19.21 4.42
N GLY A 84 4.97 20.23 5.23
CA GLY A 84 3.89 20.24 6.21
C GLY A 84 4.42 20.20 7.62
N ASN A 85 3.54 19.85 8.56
CA ASN A 85 3.88 19.95 9.98
C ASN A 85 4.48 18.64 10.44
N PHE A 86 5.82 18.57 10.53
CA PHE A 86 6.55 17.41 11.04
C PHE A 86 6.95 17.59 12.52
N GLY A 87 6.19 18.41 13.24
CA GLY A 87 6.42 18.64 14.66
C GLY A 87 7.53 19.66 14.86
N SER A 88 8.18 19.64 16.02
CA SER A 88 9.18 20.68 16.32
C SER A 88 10.18 20.09 17.30
N PRO A 89 11.24 20.87 17.66
CA PRO A 89 12.12 20.35 18.69
C PRO A 89 11.48 20.38 20.08
N GLY A 90 10.27 20.87 20.19
CA GLY A 90 9.52 20.82 21.44
C GLY A 90 8.46 19.73 21.34
N ASN A 91 7.30 19.99 21.95
CA ASN A 91 6.28 18.95 22.07
C ASN A 91 5.13 18.99 21.06
N ASP A 92 5.20 19.89 20.09
CA ASP A 92 4.09 19.99 19.11
C ASP A 92 3.96 18.69 18.33
N PRO A 93 2.76 18.07 18.30
CA PRO A 93 2.64 16.81 17.53
C PRO A 93 2.69 17.07 16.04
N PRO A 94 3.34 16.20 15.29
CA PRO A 94 3.22 16.28 13.83
C PRO A 94 1.77 16.12 13.39
N ALA A 95 1.46 16.68 12.23
CA ALA A 95 0.13 16.49 11.61
C ALA A 95 0.00 15.04 11.17
N ALA A 96 -1.24 14.62 10.92
CA ALA A 96 -1.50 13.25 10.48
C ALA A 96 -0.93 13.01 9.09
N MET A 97 -0.75 11.73 8.78
CA MET A 97 -0.13 11.34 7.52
C MET A 97 -0.92 11.72 6.28
N ARG A 98 -2.23 11.99 6.36
CA ARG A 98 -2.94 12.47 5.16
C ARG A 98 -2.70 13.97 4.90
N TYR A 99 -2.03 14.63 5.85
CA TYR A 99 -1.88 16.09 5.81
C TYR A 99 -0.40 16.51 5.67
N THR A 100 0.49 15.53 5.59
CA THR A 100 1.92 15.86 5.34
C THR A 100 2.33 15.18 4.05
N GLU A 101 3.44 15.63 3.48
CA GLU A 101 3.94 15.03 2.27
C GLU A 101 5.42 14.76 2.42
N ALA A 102 5.95 13.83 1.63
CA ALA A 102 7.34 13.37 1.86
C ALA A 102 7.91 12.77 0.59
N ARG A 103 9.22 13.00 0.38
CA ARG A 103 9.96 12.27 -0.64
C ARG A 103 11.38 12.08 -0.10
N LEU A 104 12.16 11.28 -0.79
CA LEU A 104 13.59 11.10 -0.38
C LEU A 104 14.40 12.37 -0.61
N THR A 105 15.42 12.57 0.24
CA THR A 105 16.40 13.63 -0.03
C THR A 105 17.48 13.10 -0.99
N PRO A 106 18.27 14.02 -1.54
CA PRO A 106 19.37 13.62 -2.43
C PRO A 106 20.34 12.70 -1.69
N LEU A 107 20.61 12.96 -0.40
CA LEU A 107 21.50 12.01 0.30
C LEU A 107 20.86 10.64 0.47
N ALA A 108 19.55 10.56 0.70
CA ALA A 108 18.93 9.24 0.78
C ALA A 108 19.09 8.52 -0.54
N MET A 109 19.02 9.26 -1.65
CA MET A 109 19.22 8.63 -2.97
C MET A 109 20.62 7.98 -3.04
N GLU A 110 21.60 8.57 -2.32
CA GLU A 110 22.93 7.96 -2.26
C GLU A 110 22.93 6.72 -1.35
N MET A 111 22.02 6.64 -0.36
CA MET A 111 21.91 5.39 0.38
C MET A 111 21.43 4.25 -0.50
N LEU A 112 20.57 4.55 -1.48
CA LEU A 112 19.93 3.50 -2.28
C LEU A 112 20.57 3.33 -3.66
N ARG A 113 21.64 4.10 -3.93
CA ARG A 113 22.21 4.13 -5.26
C ARG A 113 22.61 2.73 -5.74
N GLU A 114 22.12 2.38 -6.94
CA GLU A 114 22.47 1.11 -7.60
C GLU A 114 22.08 -0.12 -6.79
N ILE A 115 21.02 0.02 -5.95
CA ILE A 115 20.51 -1.14 -5.21
C ILE A 115 19.89 -2.21 -6.15
N ASP A 116 19.56 -1.78 -7.37
CA ASP A 116 19.01 -2.70 -8.39
C ASP A 116 20.14 -3.44 -9.17
N GLU A 117 21.39 -3.26 -8.77
CA GLU A 117 22.52 -3.91 -9.47
C GLU A 117 23.18 -4.99 -8.65
N GLU A 118 22.36 -5.67 -7.83
CA GLU A 118 22.82 -6.81 -7.02
C GLU A 118 24.01 -6.43 -6.12
N THR A 119 23.96 -5.20 -5.61
CA THR A 119 25.02 -4.66 -4.75
C THR A 119 24.81 -5.04 -3.29
N VAL A 120 23.58 -5.46 -2.89
CA VAL A 120 23.33 -5.92 -1.50
C VAL A 120 22.45 -7.19 -1.54
N ASP A 121 22.55 -8.03 -0.51
CA ASP A 121 21.65 -9.21 -0.42
C ASP A 121 20.22 -8.81 -0.13
N PHE A 122 19.31 -9.40 -0.88
CA PHE A 122 17.87 -9.26 -0.58
C PHE A 122 17.37 -10.58 -0.03
N ILE A 123 16.28 -10.52 0.75
CA ILE A 123 15.65 -11.73 1.26
C ILE A 123 14.13 -11.60 1.11
N PRO A 124 13.42 -12.73 1.14
CA PRO A 124 11.96 -12.64 1.01
C PRO A 124 11.36 -11.82 2.17
N ASN A 125 10.30 -11.04 1.92
CA ASN A 125 9.62 -10.26 2.95
C ASN A 125 8.69 -11.15 3.80
N TYR A 126 7.85 -10.52 4.62
CA TYR A 126 7.13 -11.25 5.67
C TYR A 126 6.16 -12.30 5.13
N ASP A 127 5.61 -12.10 3.94
CA ASP A 127 4.67 -13.09 3.37
C ASP A 127 5.29 -13.80 2.16
N GLY A 128 6.58 -13.58 1.91
CA GLY A 128 7.24 -14.29 0.84
C GLY A 128 6.89 -13.85 -0.58
N ARG A 129 6.10 -12.79 -0.74
CA ARG A 129 5.68 -12.34 -2.07
C ARG A 129 6.72 -11.45 -2.78
N VAL A 130 7.55 -10.72 -2.04
CA VAL A 130 8.51 -9.81 -2.68
C VAL A 130 9.84 -9.90 -1.92
N GLN A 131 10.89 -9.31 -2.47
CA GLN A 131 12.23 -9.36 -1.82
C GLN A 131 12.46 -7.98 -1.19
N GLU A 132 13.18 -7.94 -0.07
CA GLU A 132 13.52 -6.67 0.54
C GLU A 132 15.03 -6.68 0.88
N PRO A 133 15.66 -5.53 0.88
CA PRO A 133 17.12 -5.48 1.10
C PRO A 133 17.50 -5.77 2.54
N THR A 134 18.59 -6.53 2.79
CA THR A 134 19.08 -6.74 4.16
C THR A 134 19.87 -5.50 4.69
N VAL A 135 20.37 -4.70 3.75
CA VAL A 135 21.23 -3.54 4.04
C VAL A 135 21.16 -2.64 2.80
N LEU A 136 21.38 -1.34 2.92
CA LEU A 136 21.41 -0.48 1.72
C LEU A 136 22.88 -0.23 1.28
N PRO A 137 23.06 0.09 0.00
CA PRO A 137 24.42 0.43 -0.47
C PRO A 137 25.13 1.49 0.38
N SER A 138 24.40 2.50 0.90
CA SER A 138 24.93 3.51 1.83
C SER A 138 26.20 4.13 1.27
N ARG A 139 26.06 4.83 0.13
CA ARG A 139 27.26 5.40 -0.51
C ARG A 139 27.89 6.63 0.20
N PHE A 140 27.38 6.99 1.39
CA PHE A 140 28.13 7.84 2.34
C PHE A 140 27.99 7.14 3.70
N PRO A 141 28.86 7.46 4.66
CA PRO A 141 28.95 6.72 5.95
C PRO A 141 27.83 7.14 6.88
N ASN A 142 26.63 6.61 6.63
CA ASN A 142 25.47 7.11 7.30
C ASN A 142 25.46 6.84 8.81
N LEU A 143 25.95 5.67 9.23
CA LEU A 143 25.92 5.45 10.70
C LEU A 143 26.68 6.56 11.40
N LEU A 144 27.91 6.84 10.98
CA LEU A 144 28.66 7.89 11.67
C LEU A 144 28.06 9.27 11.35
N ALA A 145 27.49 9.46 10.14
CA ALA A 145 27.07 10.84 9.79
C ALA A 145 25.84 11.20 10.64
N ASN A 146 24.89 10.27 10.71
CA ASN A 146 23.64 10.57 11.39
C ASN A 146 23.57 10.03 12.80
N GLY A 147 24.47 9.09 13.15
CA GLY A 147 24.50 8.50 14.48
C GLY A 147 23.29 7.59 14.74
N SER A 148 23.10 7.18 15.99
CA SER A 148 22.01 6.24 16.27
C SER A 148 21.72 6.29 17.74
N GLY A 149 20.49 6.00 18.15
CA GLY A 149 20.21 5.91 19.57
C GLY A 149 20.03 7.31 20.18
N GLY A 150 20.49 7.54 21.40
CA GLY A 150 20.34 8.88 21.98
C GLY A 150 20.87 9.01 23.40
N ILE A 151 20.71 10.20 23.95
CA ILE A 151 21.43 10.56 25.20
C ILE A 151 20.60 10.15 26.45
N ALA A 152 19.32 9.83 26.28
CA ALA A 152 18.50 9.53 27.49
C ALA A 152 19.00 8.30 28.26
N VAL A 153 18.78 8.32 29.57
CA VAL A 153 19.11 7.14 30.36
C VAL A 153 18.42 5.94 29.74
N GLY A 154 19.14 4.83 29.65
CA GLY A 154 18.55 3.58 29.21
C GLY A 154 18.45 3.32 27.73
N MET A 155 18.88 4.26 26.89
CA MET A 155 18.93 4.01 25.45
C MET A 155 19.96 2.85 25.19
N ALA A 156 19.65 1.99 24.23
CA ALA A 156 20.50 0.80 23.96
C ALA A 156 21.83 1.19 23.32
N THR A 157 21.82 2.27 22.55
CA THR A 157 23.08 2.70 21.93
C THR A 157 23.07 4.20 21.84
N ASN A 158 24.26 4.80 21.67
CA ASN A 158 24.32 6.26 21.49
C ASN A 158 25.57 6.60 20.67
N ILE A 159 25.45 6.52 19.35
CA ILE A 159 26.54 6.89 18.44
C ILE A 159 26.21 8.32 17.95
N PRO A 160 27.15 9.24 18.09
CA PRO A 160 26.90 10.64 17.76
C PRO A 160 26.92 10.80 16.24
N PRO A 161 26.24 11.85 15.74
CA PRO A 161 26.37 12.29 14.34
C PRO A 161 27.67 13.02 14.17
N HIS A 162 28.13 13.16 12.93
CA HIS A 162 29.46 13.68 12.60
C HIS A 162 29.35 14.47 11.33
N ASN A 163 30.34 15.33 11.10
CA ASN A 163 30.39 16.16 9.91
C ASN A 163 30.82 15.33 8.72
N LEU A 164 30.04 15.39 7.62
CA LEU A 164 30.30 14.51 6.47
C LEU A 164 31.67 14.72 5.86
N ARG A 165 32.08 15.97 5.74
CA ARG A 165 33.42 16.22 5.17
C ARG A 165 34.53 15.60 6.01
N GLU A 166 34.45 15.69 7.35
CA GLU A 166 35.50 15.11 8.21
C GLU A 166 35.47 13.61 8.08
N LEU A 167 34.27 13.02 8.09
CA LEU A 167 34.19 11.56 7.91
C LEU A 167 34.80 11.15 6.57
N ALA A 168 34.54 11.91 5.51
CA ALA A 168 35.03 11.54 4.19
C ALA A 168 36.56 11.59 4.24
N ASP A 169 37.15 12.58 4.91
CA ASP A 169 38.63 12.61 5.05
C ASP A 169 39.12 11.30 5.70
N ALA A 170 38.44 10.84 6.76
CA ALA A 170 38.85 9.61 7.40
C ALA A 170 38.67 8.42 6.48
N VAL A 171 37.53 8.35 5.78
CA VAL A 171 37.33 7.25 4.84
C VAL A 171 38.39 7.25 3.74
N PHE A 172 38.69 8.41 3.18
CA PHE A 172 39.73 8.48 2.16
C PHE A 172 41.08 7.93 2.66
N TRP A 173 41.41 8.25 3.92
CA TRP A 173 42.69 7.80 4.49
C TRP A 173 42.64 6.29 4.57
N ALA A 174 41.53 5.75 5.07
CA ALA A 174 41.40 4.29 5.14
C ALA A 174 41.46 3.58 3.77
N LEU A 175 40.95 4.23 2.73
CA LEU A 175 40.95 3.62 1.39
C LEU A 175 42.39 3.58 0.88
N GLU A 176 43.11 4.68 1.08
CA GLU A 176 44.50 4.77 0.63
C GLU A 176 45.40 3.82 1.44
N ASN A 177 45.16 3.71 2.73
CA ASN A 177 46.00 2.92 3.60
C ASN A 177 45.28 1.62 3.98
N HIS A 178 44.95 0.81 2.96
CA HIS A 178 44.02 -0.30 3.14
C HIS A 178 44.47 -1.36 4.15
N ASP A 179 45.78 -1.43 4.35
CA ASP A 179 46.45 -2.48 5.09
C ASP A 179 47.01 -1.96 6.42
N ALA A 180 46.70 -0.71 6.79
CA ALA A 180 47.19 -0.14 8.06
C ALA A 180 46.57 -0.91 9.22
N ASP A 181 47.36 -1.18 10.27
CA ASP A 181 46.81 -1.89 11.43
C ASP A 181 45.89 -0.99 12.29
N GLU A 182 45.33 -1.54 13.34
CA GLU A 182 44.29 -0.83 14.08
C GLU A 182 44.86 0.40 14.76
N GLU A 183 46.04 0.28 15.37
CA GLU A 183 46.64 1.42 16.06
C GLU A 183 46.86 2.59 15.09
N GLU A 184 47.47 2.34 13.94
CA GLU A 184 47.73 3.41 12.97
C GLU A 184 46.43 3.98 12.40
N THR A 185 45.48 3.10 12.13
CA THR A 185 44.20 3.54 11.56
C THR A 185 43.47 4.43 12.56
N LEU A 186 43.44 4.02 13.83
CA LEU A 186 42.73 4.75 14.86
C LEU A 186 43.37 6.15 14.98
N ALA A 187 44.70 6.21 15.03
CA ALA A 187 45.34 7.52 15.11
C ALA A 187 44.95 8.40 13.94
N ALA A 188 44.95 7.82 12.74
CA ALA A 188 44.71 8.61 11.52
C ALA A 188 43.25 9.10 11.47
N VAL A 189 42.30 8.26 11.84
CA VAL A 189 40.93 8.69 11.75
C VAL A 189 40.57 9.67 12.89
N MET A 190 41.21 9.52 14.05
CA MET A 190 40.94 10.46 15.13
C MET A 190 41.60 11.82 14.81
N GLY A 191 42.63 11.80 13.95
CA GLY A 191 43.21 13.05 13.50
C GLY A 191 42.25 13.83 12.62
N ARG A 192 41.31 13.13 11.95
CA ARG A 192 40.47 13.76 10.92
C ARG A 192 39.03 14.00 11.35
N VAL A 193 38.56 13.22 12.31
CA VAL A 193 37.17 13.33 12.78
C VAL A 193 37.33 14.05 14.11
N LYS A 194 37.04 15.35 14.12
CA LYS A 194 37.32 16.20 15.27
C LYS A 194 36.47 15.92 16.52
N GLY A 195 35.25 15.41 16.29
CA GLY A 195 34.30 15.13 17.37
C GLY A 195 32.93 15.06 16.69
N PRO A 196 31.91 14.75 17.47
CA PRO A 196 30.52 14.87 16.97
C PRO A 196 30.21 16.22 16.37
N ASP A 197 29.21 16.24 15.47
CA ASP A 197 28.75 17.52 14.90
C ASP A 197 27.25 17.39 14.89
N PHE A 198 26.61 18.01 15.87
CA PHE A 198 25.17 17.78 16.07
C PHE A 198 24.35 18.64 15.14
N PRO A 199 23.13 18.16 14.76
CA PRO A 199 22.31 18.99 13.86
C PRO A 199 21.92 20.27 14.56
N THR A 200 21.80 20.19 15.90
CA THR A 200 21.41 21.31 16.74
C THR A 200 22.61 22.26 17.16
N ALA A 201 23.79 22.06 16.58
CA ALA A 201 24.93 22.96 16.76
C ALA A 201 25.39 22.90 18.22
N GLY A 202 25.40 24.04 18.91
CA GLY A 202 25.85 24.04 20.30
C GLY A 202 27.37 23.87 20.43
N LEU A 203 27.79 23.42 21.61
CA LEU A 203 29.22 23.37 21.97
C LEU A 203 29.55 21.99 22.54
N ILE A 204 30.81 21.58 22.41
CA ILE A 204 31.31 20.43 23.14
C ILE A 204 32.47 21.01 23.96
N VAL A 205 32.54 20.67 25.24
CA VAL A 205 33.56 21.26 26.14
C VAL A 205 34.56 20.20 26.49
N GLY A 206 35.81 20.46 26.13
CA GLY A 206 36.89 19.50 26.36
C GLY A 206 37.06 18.41 25.31
N SER A 207 38.14 17.66 25.44
CA SER A 207 38.50 16.65 24.47
C SER A 207 38.49 15.23 25.01
N GLN A 208 38.45 15.06 26.33
CA GLN A 208 38.67 13.72 26.87
C GLN A 208 37.56 12.78 26.44
N GLY A 209 36.32 13.22 26.61
CA GLY A 209 35.19 12.32 26.38
C GLY A 209 35.13 11.85 24.93
N THR A 210 35.40 12.76 24.02
CA THR A 210 35.41 12.43 22.58
C THR A 210 36.51 11.39 22.33
N ALA A 211 37.74 11.62 22.85
CA ALA A 211 38.81 10.66 22.63
C ALA A 211 38.46 9.32 23.23
N ASP A 212 37.85 9.31 24.44
CA ASP A 212 37.50 8.06 25.08
C ASP A 212 36.54 7.29 24.18
N ALA A 213 35.55 8.02 23.66
CA ALA A 213 34.51 7.39 22.84
C ALA A 213 35.14 6.73 21.63
N TYR A 214 36.05 7.42 20.99
CA TYR A 214 36.69 6.89 19.76
C TYR A 214 37.66 5.76 20.06
N LYS A 215 38.39 5.83 21.20
CA LYS A 215 39.31 4.78 21.56
C LYS A 215 38.70 3.52 22.09
N THR A 216 37.52 3.63 22.74
CA THR A 216 37.00 2.47 23.51
C THR A 216 35.52 2.19 23.20
N GLY A 217 34.85 3.10 22.51
CA GLY A 217 33.42 2.91 22.23
C GLY A 217 32.56 3.57 23.30
N ARG A 218 33.13 3.98 24.42
CA ARG A 218 32.38 4.71 25.48
C ARG A 218 33.11 5.95 25.94
N GLY A 219 32.37 7.03 26.13
CA GLY A 219 32.94 8.28 26.64
C GLY A 219 31.88 9.27 27.00
N SER A 220 32.18 10.13 27.96
CA SER A 220 31.24 11.12 28.38
C SER A 220 31.59 12.51 27.76
N ILE A 221 30.79 12.92 26.78
CA ILE A 221 31.09 14.12 25.99
C ILE A 221 30.21 15.23 26.50
N ARG A 222 30.84 16.28 27.02
CA ARG A 222 30.08 17.36 27.65
C ARG A 222 29.53 18.30 26.59
N MET A 223 28.20 18.38 26.51
CA MET A 223 27.55 19.36 25.62
C MET A 223 27.05 20.58 26.31
N ARG A 224 27.11 21.72 25.63
CA ARG A 224 26.50 22.93 26.16
C ARG A 224 25.71 23.68 25.09
N GLY A 225 24.60 24.28 25.48
CA GLY A 225 23.95 25.24 24.61
C GLY A 225 24.75 26.56 24.56
N VAL A 226 24.17 27.55 23.91
CA VAL A 226 24.82 28.87 23.75
C VAL A 226 23.91 29.88 24.42
N VAL A 227 24.49 30.69 25.31
CA VAL A 227 23.75 31.68 26.09
C VAL A 227 24.49 32.99 25.94
N GLU A 228 23.73 34.06 25.75
CA GLU A 228 24.32 35.40 25.61
C GLU A 228 23.72 36.23 26.74
N VAL A 229 24.48 37.13 27.35
CA VAL A 229 23.95 38.09 28.31
C VAL A 229 23.56 39.38 27.59
N GLU A 230 22.32 39.81 27.77
CA GLU A 230 21.86 41.11 27.29
C GLU A 230 21.57 42.00 28.50
N GLU A 231 22.15 43.18 28.54
CA GLU A 231 21.92 44.08 29.67
C GLU A 231 21.72 45.48 29.14
N ASP A 232 21.13 46.33 29.96
CA ASP A 232 20.95 47.72 29.57
C ASP A 232 21.43 48.60 30.68
N SER A 233 21.33 49.92 30.47
CA SER A 233 21.91 50.90 31.38
C SER A 233 21.16 51.06 32.69
N ARG A 234 19.96 50.52 32.79
CA ARG A 234 19.24 50.53 34.05
C ARG A 234 19.68 49.34 34.90
N GLY A 235 20.53 48.50 34.31
CA GLY A 235 21.03 47.29 34.95
C GLY A 235 20.14 46.06 34.79
N ARG A 236 19.07 46.18 34.01
CA ARG A 236 18.22 45.03 33.69
C ARG A 236 19.04 44.04 32.89
N THR A 237 19.00 42.77 33.28
CA THR A 237 19.85 41.77 32.66
C THR A 237 19.03 40.54 32.31
N SER A 238 19.31 39.95 31.15
CA SER A 238 18.59 38.77 30.70
C SER A 238 19.59 37.81 30.08
N LEU A 239 19.34 36.51 30.18
CA LEU A 239 20.16 35.52 29.50
C LEU A 239 19.35 35.10 28.28
N VAL A 240 20.00 34.94 27.13
CA VAL A 240 19.27 34.57 25.94
C VAL A 240 19.89 33.29 25.40
N ILE A 241 19.11 32.21 25.40
CA ILE A 241 19.57 30.88 25.03
C ILE A 241 19.14 30.70 23.58
N THR A 242 20.14 30.58 22.71
CA THR A 242 19.88 30.47 21.27
C THR A 242 20.26 29.12 20.66
N GLU A 243 20.93 28.26 21.44
CA GLU A 243 21.24 26.86 20.99
C GLU A 243 21.19 25.98 22.25
N LEU A 244 20.76 24.72 22.09
CA LEU A 244 20.73 23.73 23.16
C LEU A 244 21.48 22.48 22.74
N PRO A 245 21.89 21.65 23.72
CA PRO A 245 22.53 20.39 23.33
C PRO A 245 21.61 19.52 22.46
N TYR A 246 22.26 18.60 21.78
CA TYR A 246 21.54 17.59 20.99
C TYR A 246 20.50 16.80 21.81
N GLN A 247 19.31 16.64 21.21
CA GLN A 247 18.18 15.89 21.78
C GLN A 247 17.64 16.46 23.08
N VAL A 248 17.98 17.73 23.36
CA VAL A 248 17.32 18.40 24.50
C VAL A 248 16.03 19.09 24.03
N ASN A 249 14.88 18.59 24.52
CA ASN A 249 13.56 19.02 24.03
C ASN A 249 13.31 20.46 24.52
N HIS A 250 12.96 21.38 23.62
CA HIS A 250 12.88 22.81 23.96
C HIS A 250 11.78 23.06 25.01
N ASP A 251 10.62 22.44 24.84
CA ASP A 251 9.54 22.66 25.79
C ASP A 251 9.82 22.03 27.17
N ASN A 252 10.38 20.84 27.17
CA ASN A 252 10.66 20.20 28.46
C ASN A 252 11.78 20.95 29.17
N PHE A 253 12.70 21.53 28.40
CA PHE A 253 13.75 22.37 28.98
C PHE A 253 13.13 23.59 29.66
N ILE A 254 12.23 24.30 28.97
CA ILE A 254 11.63 25.50 29.56
C ILE A 254 10.87 25.12 30.82
N THR A 255 10.10 24.04 30.75
CA THR A 255 9.38 23.57 31.94
C THR A 255 10.32 23.24 33.08
N SER A 256 11.47 22.67 32.76
CA SER A 256 12.39 22.29 33.85
C SER A 256 12.91 23.50 34.61
N ILE A 257 13.14 24.62 33.91
CA ILE A 257 13.59 25.85 34.58
C ILE A 257 12.50 26.32 35.52
N ALA A 258 11.28 26.42 35.00
CA ALA A 258 10.17 26.87 35.83
C ALA A 258 10.06 25.98 37.06
N GLU A 259 10.23 24.67 36.89
CA GLU A 259 10.20 23.77 38.04
C GLU A 259 11.38 23.91 39.01
N GLN A 260 12.59 24.09 38.50
CA GLN A 260 13.75 24.24 39.37
C GLN A 260 13.60 25.54 40.17
N VAL A 261 12.96 26.56 39.57
CA VAL A 261 12.77 27.87 40.24
C VAL A 261 11.75 27.72 41.34
N ARG A 262 10.63 27.12 40.99
CA ARG A 262 9.55 26.87 41.93
C ARG A 262 10.08 26.06 43.10
N ASP A 263 11.03 25.17 42.84
CA ASP A 263 11.53 24.28 43.89
C ASP A 263 12.87 24.70 44.52
N GLY A 264 13.22 25.98 44.44
CA GLY A 264 14.31 26.49 45.26
C GLY A 264 15.72 26.48 44.71
N LYS A 265 15.96 25.92 43.53
CA LYS A 265 17.22 26.23 42.84
C LYS A 265 16.96 27.42 41.89
N LEU A 266 17.99 27.87 41.20
CA LEU A 266 17.84 28.99 40.30
C LEU A 266 17.18 30.16 41.01
N ALA A 267 17.71 30.54 42.16
CA ALA A 267 17.13 31.65 42.93
C ALA A 267 17.29 33.02 42.25
N GLY A 268 18.14 33.08 41.23
CA GLY A 268 18.46 34.35 40.58
C GLY A 268 17.54 34.73 39.42
N ILE A 269 16.57 33.87 39.12
CA ILE A 269 15.70 34.06 37.96
C ILE A 269 14.39 34.74 38.31
N SER A 270 14.00 35.77 37.56
CA SER A 270 12.72 36.44 37.81
C SER A 270 11.66 36.10 36.80
N ASN A 271 12.06 35.78 35.57
CA ASN A 271 11.05 35.45 34.58
C ASN A 271 11.65 34.62 33.48
N ILE A 272 10.82 33.83 32.82
CA ILE A 272 11.27 33.14 31.62
C ILE A 272 10.22 33.30 30.52
N GLU A 273 10.69 33.55 29.30
CA GLU A 273 9.82 33.78 28.17
C GLU A 273 10.40 33.17 26.92
N ASP A 274 9.58 32.43 26.20
CA ASP A 274 10.00 31.85 24.93
C ASP A 274 9.71 32.82 23.82
N GLN A 275 10.76 33.41 23.23
CA GLN A 275 10.59 34.33 22.12
C GLN A 275 11.06 33.71 20.80
N SER A 276 11.08 32.38 20.73
CA SER A 276 11.52 31.71 19.51
C SER A 276 10.52 32.02 18.40
N SER A 277 11.02 32.07 17.16
CA SER A 277 10.17 32.33 15.99
C SER A 277 10.81 31.70 14.77
N ASP A 278 10.06 31.59 13.69
CA ASP A 278 10.64 31.13 12.43
C ASP A 278 11.74 32.08 12.00
N ARG A 279 11.59 33.37 12.29
CA ARG A 279 12.60 34.33 11.84
C ARG A 279 13.91 34.32 12.66
N VAL A 280 13.84 34.12 13.97
CA VAL A 280 15.03 34.23 14.82
C VAL A 280 15.52 32.86 15.31
N GLY A 281 14.75 31.81 15.05
CA GLY A 281 15.09 30.49 15.55
C GLY A 281 14.84 30.42 17.06
N LEU A 282 15.66 29.62 17.76
CA LEU A 282 15.47 29.44 19.21
C LEU A 282 15.91 30.72 19.94
N ARG A 283 15.04 31.19 20.85
CA ARG A 283 15.34 32.35 21.64
C ARG A 283 14.59 32.29 22.95
N ILE A 284 15.22 31.70 23.97
CA ILE A 284 14.60 31.62 25.26
C ILE A 284 15.20 32.68 26.15
N VAL A 285 14.37 33.53 26.73
CA VAL A 285 14.86 34.72 27.40
C VAL A 285 14.59 34.61 28.90
N ILE A 286 15.64 34.67 29.70
CA ILE A 286 15.53 34.44 31.14
C ILE A 286 15.94 35.71 31.84
N GLU A 287 14.99 36.38 32.46
CA GLU A 287 15.35 37.63 33.11
C GLU A 287 15.90 37.29 34.48
N ILE A 288 16.97 37.95 34.86
CA ILE A 288 17.55 37.67 36.16
C ILE A 288 17.27 38.82 37.14
N LYS A 289 17.31 38.51 38.42
CA LYS A 289 16.93 39.48 39.44
C LYS A 289 18.00 40.56 39.57
N ARG A 290 17.63 41.76 40.03
CA ARG A 290 18.61 42.86 40.17
C ARG A 290 19.87 42.50 40.98
N ASP A 291 19.69 41.69 42.02
CA ASP A 291 20.77 41.31 42.94
C ASP A 291 21.51 40.03 42.53
N ALA A 292 21.24 39.50 41.33
CA ALA A 292 21.88 38.27 40.85
C ALA A 292 22.97 38.63 39.86
N VAL A 293 24.01 37.81 39.79
CA VAL A 293 25.07 37.97 38.80
C VAL A 293 24.81 37.00 37.64
N ALA A 294 24.74 37.53 36.43
CA ALA A 294 24.41 36.72 35.25
C ALA A 294 25.27 35.46 35.14
N LYS A 295 26.58 35.58 35.35
CA LYS A 295 27.42 34.43 35.07
C LYS A 295 27.22 33.38 36.15
N VAL A 296 26.75 33.82 37.30
CA VAL A 296 26.46 32.89 38.38
C VAL A 296 25.18 32.12 38.02
N VAL A 297 24.16 32.83 37.54
CA VAL A 297 22.94 32.15 37.13
C VAL A 297 23.21 31.19 35.96
N ILE A 298 24.09 31.57 35.02
CA ILE A 298 24.42 30.68 33.91
C ILE A 298 25.03 29.40 34.47
N ASN A 299 25.97 29.54 35.37
CA ASN A 299 26.55 28.36 35.98
C ASN A 299 25.53 27.45 36.70
N ASN A 300 24.57 28.04 37.40
CA ASN A 300 23.52 27.22 38.02
C ASN A 300 22.60 26.55 36.99
N LEU A 301 22.45 27.18 35.83
CA LEU A 301 21.63 26.57 34.76
C LEU A 301 22.43 25.38 34.19
N TYR A 302 23.75 25.52 34.11
CA TYR A 302 24.53 24.36 33.65
C TYR A 302 24.40 23.24 34.68
N LYS A 303 24.43 23.55 35.98
CA LYS A 303 24.39 22.47 36.97
C LYS A 303 23.04 21.80 37.05
N HIS A 304 21.98 22.60 36.97
CA HIS A 304 20.65 22.13 37.34
C HIS A 304 19.66 21.85 36.20
N THR A 305 20.07 22.12 34.97
CA THR A 305 19.21 21.91 33.81
C THR A 305 20.05 21.33 32.70
N GLN A 306 19.42 20.97 31.60
CA GLN A 306 20.14 20.36 30.48
C GLN A 306 20.79 21.42 29.56
N LEU A 307 20.91 22.65 30.06
CA LEU A 307 21.63 23.65 29.26
C LEU A 307 23.07 23.13 29.05
N GLN A 308 23.59 22.41 30.05
CA GLN A 308 24.76 21.58 29.86
C GLN A 308 24.35 20.15 30.18
N THR A 309 24.71 19.22 29.32
CA THR A 309 24.34 17.85 29.61
C THR A 309 25.27 16.90 28.88
N SER A 310 25.44 15.70 29.41
CA SER A 310 26.42 14.77 28.86
C SER A 310 25.81 13.96 27.72
N PHE A 311 26.62 13.81 26.68
CA PHE A 311 26.35 12.88 25.61
C PHE A 311 27.14 11.60 26.01
N GLY A 312 26.44 10.60 26.55
CA GLY A 312 27.11 9.38 27.02
C GLY A 312 27.31 8.47 25.82
N ALA A 313 28.44 8.63 25.10
CA ALA A 313 28.58 7.85 23.88
C ALA A 313 28.71 6.38 24.27
N ASN A 314 28.05 5.54 23.44
CA ASN A 314 28.07 4.08 23.64
C ASN A 314 27.96 3.49 22.26
N MET A 315 29.09 3.12 21.66
CA MET A 315 29.09 2.90 20.22
C MET A 315 28.79 1.47 19.90
N LEU A 316 27.51 1.12 20.07
CA LEU A 316 27.09 -0.25 19.93
C LEU A 316 26.31 -0.42 18.61
N ALA A 317 26.77 -1.35 17.79
CA ALA A 317 26.13 -1.60 16.49
C ALA A 317 26.20 -3.08 16.15
N ILE A 318 25.35 -3.49 15.22
CA ILE A 318 25.38 -4.87 14.77
C ILE A 318 26.42 -5.10 13.68
N VAL A 319 27.29 -6.09 13.87
CA VAL A 319 28.32 -6.42 12.87
C VAL A 319 28.14 -7.91 12.53
N ASP A 320 27.79 -8.24 11.29
CA ASP A 320 27.60 -9.65 10.92
C ASP A 320 26.66 -10.30 11.90
N GLY A 321 25.60 -9.59 12.26
CA GLY A 321 24.55 -10.13 13.12
C GLY A 321 24.82 -10.16 14.62
N VAL A 322 26.02 -9.71 15.03
CA VAL A 322 26.41 -9.71 16.44
C VAL A 322 26.55 -8.28 16.96
N PRO A 323 25.90 -7.96 18.08
CA PRO A 323 26.12 -6.60 18.62
C PRO A 323 27.51 -6.47 19.15
N ARG A 324 28.15 -5.33 18.86
CA ARG A 324 29.55 -5.12 19.24
C ARG A 324 29.75 -3.68 19.63
N THR A 325 30.58 -3.43 20.65
CA THR A 325 30.92 -2.06 21.01
C THR A 325 32.20 -1.75 20.21
N LEU A 326 32.17 -0.69 19.42
CA LEU A 326 33.23 -0.46 18.44
C LEU A 326 34.02 0.84 18.64
N ARG A 327 35.29 0.83 18.29
CA ARG A 327 36.07 2.06 18.25
C ARG A 327 35.87 2.77 16.94
N LEU A 328 36.39 3.99 16.83
CA LEU A 328 36.15 4.77 15.59
C LEU A 328 36.84 4.12 14.37
N ASP A 329 38.02 3.50 14.54
CA ASP A 329 38.65 2.84 13.39
C ASP A 329 37.85 1.65 12.89
N GLN A 330 37.17 0.95 13.78
CA GLN A 330 36.34 -0.18 13.38
C GLN A 330 35.07 0.31 12.66
N LEU A 331 34.46 1.37 13.15
CA LEU A 331 33.28 1.88 12.45
C LEU A 331 33.67 2.29 11.00
N ILE A 332 34.84 2.93 10.89
CA ILE A 332 35.28 3.37 9.57
C ILE A 332 35.62 2.17 8.70
N ARG A 333 36.41 1.22 9.19
CA ARG A 333 36.84 0.08 8.38
C ARG A 333 35.65 -0.80 8.00
N TYR A 334 34.70 -1.04 8.89
CA TYR A 334 33.54 -1.88 8.49
C TYR A 334 32.73 -1.14 7.39
N TYR A 335 32.66 0.20 7.48
CA TYR A 335 32.02 0.98 6.43
C TYR A 335 32.76 0.86 5.09
N VAL A 336 34.08 1.03 5.15
CA VAL A 336 34.86 0.85 3.93
C VAL A 336 34.74 -0.53 3.32
N ASP A 337 34.79 -1.59 4.13
CA ASP A 337 34.64 -2.93 3.61
C ASP A 337 33.29 -3.08 2.86
N HIS A 338 32.25 -2.49 3.41
CA HIS A 338 30.92 -2.53 2.74
C HIS A 338 30.96 -1.78 1.39
N GLN A 339 31.62 -0.62 1.32
CA GLN A 339 31.72 0.07 0.02
C GLN A 339 32.50 -0.77 -1.03
N LEU A 340 33.58 -1.42 -0.60
CA LEU A 340 34.35 -2.22 -1.55
C LEU A 340 33.48 -3.41 -2.02
N ASP A 341 32.65 -3.95 -1.11
CA ASP A 341 31.75 -5.05 -1.46
C ASP A 341 30.73 -4.56 -2.49
N VAL A 342 30.13 -3.40 -2.24
CA VAL A 342 29.17 -2.82 -3.19
C VAL A 342 29.80 -2.64 -4.58
N ILE A 343 31.04 -2.11 -4.65
CA ILE A 343 31.65 -1.86 -5.93
C ILE A 343 32.00 -3.17 -6.65
N VAL A 344 32.53 -4.17 -5.95
CA VAL A 344 32.84 -5.43 -6.60
C VAL A 344 31.54 -6.08 -7.09
N ARG A 345 30.50 -6.05 -6.27
CA ARG A 345 29.22 -6.65 -6.66
C ARG A 345 28.63 -5.93 -7.87
N ARG A 346 28.70 -4.59 -7.85
CA ARG A 346 28.11 -3.81 -8.95
C ARG A 346 28.85 -4.14 -10.26
N THR A 347 30.17 -4.19 -10.18
CA THR A 347 30.99 -4.47 -11.35
C THR A 347 30.71 -5.90 -11.85
N THR A 348 30.51 -6.86 -10.95
CA THR A 348 30.22 -8.27 -11.32
C THR A 348 28.87 -8.34 -12.09
N TYR A 349 27.88 -7.64 -11.56
CA TYR A 349 26.55 -7.56 -12.18
C TYR A 349 26.65 -6.93 -13.56
N ARG A 350 27.37 -5.80 -13.65
CA ARG A 350 27.47 -5.07 -14.91
C ARG A 350 28.17 -5.92 -15.93
N LEU A 351 29.13 -6.69 -15.49
CA LEU A 351 29.85 -7.58 -16.42
C LEU A 351 28.98 -8.73 -16.91
N ARG A 352 28.17 -9.32 -16.03
CA ARG A 352 27.30 -10.39 -16.47
CA ARG A 352 27.29 -10.39 -16.50
C ARG A 352 26.27 -9.81 -17.45
N LYS A 353 25.68 -8.67 -17.12
CA LYS A 353 24.66 -8.10 -18.02
C LYS A 353 25.30 -7.74 -19.39
N ALA A 354 26.50 -7.14 -19.38
CA ALA A 354 27.18 -6.75 -20.63
C ALA A 354 27.47 -7.98 -21.48
N ASN A 355 27.96 -9.06 -20.86
CA ASN A 355 28.13 -10.28 -21.61
C ASN A 355 26.81 -10.82 -22.20
N GLU A 356 25.72 -10.71 -21.47
CA GLU A 356 24.43 -11.20 -22.00
C GLU A 356 24.05 -10.38 -23.22
N ARG A 357 24.23 -9.06 -23.08
CA ARG A 357 23.94 -8.14 -24.18
C ARG A 357 24.84 -8.36 -25.39
N ALA A 358 26.15 -8.55 -25.19
CA ALA A 358 27.04 -8.86 -26.31
C ALA A 358 26.60 -10.13 -27.01
N HIS A 359 26.14 -11.12 -26.25
CA HIS A 359 25.75 -12.40 -26.87
C HIS A 359 24.57 -12.16 -27.82
N ILE A 360 23.60 -11.37 -27.36
CA ILE A 360 22.42 -11.07 -28.20
C ILE A 360 22.85 -10.26 -29.41
N LEU A 361 23.72 -9.28 -29.20
CA LEU A 361 24.20 -8.43 -30.29
C LEU A 361 24.97 -9.27 -31.33
N ARG A 362 25.76 -10.25 -30.90
CA ARG A 362 26.45 -11.07 -31.88
C ARG A 362 25.46 -11.81 -32.79
N GLY A 363 24.35 -12.25 -32.23
CA GLY A 363 23.33 -12.96 -33.00
C GLY A 363 22.68 -11.98 -33.99
N LEU A 364 22.43 -10.75 -33.52
CA LEU A 364 21.80 -9.74 -34.38
C LEU A 364 22.74 -9.35 -35.52
N VAL A 365 24.05 -9.29 -35.25
CA VAL A 365 24.99 -8.95 -36.30
C VAL A 365 25.05 -10.08 -37.36
N LYS A 366 24.99 -11.32 -36.92
CA LYS A 366 24.89 -12.43 -37.87
C LYS A 366 23.67 -12.27 -38.73
N ALA A 367 22.53 -11.92 -38.12
CA ALA A 367 21.30 -11.77 -38.91
C ALA A 367 21.43 -10.64 -39.91
N LEU A 368 22.03 -9.53 -39.49
CA LEU A 368 22.19 -8.40 -40.41
C LEU A 368 23.10 -8.79 -41.59
N ASP A 369 24.13 -9.59 -41.36
CA ASP A 369 25.04 -9.98 -42.43
C ASP A 369 24.33 -10.85 -43.46
N ALA A 370 23.33 -11.59 -43.01
CA ALA A 370 22.58 -12.50 -43.86
C ALA A 370 21.12 -12.06 -43.96
N LEU A 371 20.85 -10.76 -44.01
CA LEU A 371 19.49 -10.28 -43.78
C LEU A 371 18.50 -10.73 -44.86
N ASP A 372 18.90 -10.74 -46.13
CA ASP A 372 17.95 -11.22 -47.15
C ASP A 372 17.48 -12.63 -46.80
N GLU A 373 18.45 -13.48 -46.42
CA GLU A 373 18.20 -14.89 -46.13
C GLU A 373 17.35 -15.06 -44.91
N VAL A 374 17.63 -14.25 -43.90
CA VAL A 374 16.84 -14.30 -42.67
C VAL A 374 15.37 -13.95 -42.90
N ILE A 375 15.09 -12.87 -43.60
CA ILE A 375 13.73 -12.45 -43.82
C ILE A 375 13.04 -13.48 -44.70
N ALA A 376 13.72 -13.94 -45.75
CA ALA A 376 13.11 -14.94 -46.63
C ALA A 376 12.76 -16.20 -45.82
N LEU A 377 13.65 -16.61 -44.91
CA LEU A 377 13.45 -17.85 -44.16
C LEU A 377 12.25 -17.70 -43.23
N ILE A 378 12.15 -16.54 -42.58
CA ILE A 378 11.05 -16.35 -41.62
C ILE A 378 9.74 -16.40 -42.39
N ARG A 379 9.66 -15.68 -43.52
CA ARG A 379 8.40 -15.60 -44.29
C ARG A 379 8.00 -16.96 -44.84
N ALA A 380 8.99 -17.82 -45.10
CA ALA A 380 8.72 -19.14 -45.70
C ALA A 380 8.40 -20.16 -44.62
N SER A 381 8.60 -19.76 -43.35
CA SER A 381 8.32 -20.64 -42.22
C SER A 381 6.84 -20.61 -41.92
N GLU A 382 6.26 -21.79 -41.70
CA GLU A 382 4.81 -21.87 -41.43
C GLU A 382 4.51 -21.27 -40.09
N THR A 383 5.37 -21.52 -39.11
CA THR A 383 5.12 -21.02 -37.77
C THR A 383 6.37 -20.34 -37.19
N VAL A 384 6.21 -19.70 -36.04
CA VAL A 384 7.37 -19.06 -35.38
C VAL A 384 8.36 -20.12 -34.88
N ASP A 385 7.84 -21.24 -34.38
CA ASP A 385 8.73 -22.29 -33.90
C ASP A 385 9.59 -22.77 -35.06
N ILE A 386 9.00 -22.85 -36.25
CA ILE A 386 9.76 -23.34 -37.41
C ILE A 386 10.77 -22.28 -37.88
N ALA A 387 10.40 -21.01 -37.82
CA ALA A 387 11.38 -19.98 -38.14
C ALA A 387 12.52 -20.03 -37.12
N ARG A 388 12.22 -20.20 -35.85
CA ARG A 388 13.29 -20.18 -34.83
C ARG A 388 14.29 -21.29 -35.04
N ALA A 389 13.82 -22.50 -35.35
CA ALA A 389 14.70 -23.60 -35.63
C ALA A 389 15.54 -23.34 -36.88
N GLY A 390 14.89 -22.75 -37.89
CA GLY A 390 15.56 -22.47 -39.15
C GLY A 390 16.66 -21.43 -38.95
N LEU A 391 16.43 -20.46 -38.07
CA LEU A 391 17.44 -19.43 -37.83
C LEU A 391 18.66 -20.02 -37.13
N ILE A 392 18.42 -20.91 -36.18
CA ILE A 392 19.50 -21.58 -35.47
C ILE A 392 20.40 -22.31 -36.45
N GLU A 393 19.78 -23.08 -37.37
CA GLU A 393 20.53 -23.83 -38.39
C GLU A 393 21.26 -22.88 -39.36
N LEU A 394 20.55 -21.86 -39.83
CA LEU A 394 21.09 -20.91 -40.80
C LEU A 394 22.31 -20.15 -40.27
N LEU A 395 22.20 -19.61 -39.06
CA LEU A 395 23.18 -18.64 -38.58
C LEU A 395 24.17 -19.25 -37.60
N ASP A 396 23.95 -20.53 -37.27
CA ASP A 396 24.71 -21.20 -36.19
C ASP A 396 24.64 -20.41 -34.88
N ILE A 397 23.42 -20.21 -34.36
CA ILE A 397 23.21 -19.47 -33.10
C ILE A 397 22.44 -20.34 -32.12
N ASP A 398 22.16 -19.82 -30.92
CA ASP A 398 21.39 -20.59 -29.96
C ASP A 398 19.97 -20.05 -29.88
N GLU A 399 19.18 -20.63 -28.99
CA GLU A 399 17.77 -20.30 -28.87
C GLU A 399 17.56 -18.83 -28.50
N ILE A 400 18.35 -18.34 -27.58
CA ILE A 400 18.13 -17.01 -27.04
C ILE A 400 18.49 -15.98 -28.09
N GLN A 401 19.53 -16.27 -28.89
CA GLN A 401 19.90 -15.38 -29.99
C GLN A 401 18.82 -15.37 -31.11
N ALA A 402 18.33 -16.56 -31.48
CA ALA A 402 17.27 -16.73 -32.50
C ALA A 402 16.01 -15.99 -32.03
N GLN A 403 15.67 -16.11 -30.76
CA GLN A 403 14.50 -15.40 -30.24
C GLN A 403 14.70 -13.89 -30.32
N ALA A 404 15.91 -13.42 -30.08
CA ALA A 404 16.10 -11.97 -30.16
C ALA A 404 15.93 -11.46 -31.60
N ILE A 405 16.34 -12.27 -32.57
CA ILE A 405 16.14 -11.91 -33.97
C ILE A 405 14.63 -11.84 -34.29
N LEU A 406 13.87 -12.86 -33.86
CA LEU A 406 12.41 -12.93 -34.09
C LEU A 406 11.74 -11.74 -33.38
N ASP A 407 12.34 -11.26 -32.28
CA ASP A 407 11.75 -10.14 -31.56
C ASP A 407 12.16 -8.75 -32.08
N MET A 408 13.07 -8.69 -33.07
CA MET A 408 13.47 -7.40 -33.60
C MET A 408 12.29 -6.72 -34.31
N GLN A 409 12.13 -5.41 -34.11
CA GLN A 409 11.06 -4.66 -34.81
C GLN A 409 11.54 -4.25 -36.17
N LEU A 410 10.60 -4.09 -37.12
CA LEU A 410 11.01 -3.64 -38.48
C LEU A 410 11.75 -2.31 -38.47
N ARG A 411 11.44 -1.40 -37.55
CA ARG A 411 12.18 -0.13 -37.46
C ARG A 411 13.71 -0.31 -37.29
N ARG A 412 14.15 -1.40 -36.72
CA ARG A 412 15.59 -1.62 -36.52
C ARG A 412 16.29 -1.92 -37.85
N LEU A 413 15.56 -1.99 -38.95
CA LEU A 413 16.16 -2.42 -40.21
C LEU A 413 16.49 -1.19 -41.03
N ALA A 414 16.11 0.00 -40.55
CA ALA A 414 16.56 1.23 -41.28
C ALA A 414 18.11 1.31 -41.18
N ALA A 415 18.75 1.93 -42.15
CA ALA A 415 20.22 1.86 -42.21
C ALA A 415 20.92 2.30 -40.95
N LEU A 416 20.54 3.43 -40.40
CA LEU A 416 21.21 3.92 -39.22
C LEU A 416 20.98 2.96 -38.03
N GLU A 417 19.84 2.28 -37.99
CA GLU A 417 19.60 1.34 -36.93
C GLU A 417 20.36 0.03 -37.07
N ARG A 418 20.62 -0.41 -38.33
CA ARG A 418 21.43 -1.60 -38.57
C ARG A 418 22.83 -1.27 -38.07
N GLN A 419 23.30 -0.07 -38.39
CA GLN A 419 24.70 0.28 -38.02
C GLN A 419 24.76 0.50 -36.50
N ARG A 420 23.69 1.01 -35.90
CA ARG A 420 23.66 1.15 -34.42
C ARG A 420 23.87 -0.19 -33.70
N ILE A 421 23.24 -1.26 -34.16
CA ILE A 421 23.45 -2.58 -33.60
C ILE A 421 24.93 -3.00 -33.69
N ILE A 422 25.53 -2.86 -34.87
CA ILE A 422 26.94 -3.22 -35.06
C ILE A 422 27.89 -2.37 -34.18
N ASP A 423 27.64 -1.07 -34.14
CA ASP A 423 28.40 -0.17 -33.28
C ASP A 423 28.25 -0.58 -31.82
N ASP A 424 27.01 -0.94 -31.41
CA ASP A 424 26.76 -1.28 -30.01
C ASP A 424 27.54 -2.50 -29.58
N LEU A 425 27.74 -3.46 -30.48
CA LEU A 425 28.55 -4.64 -30.16
C LEU A 425 29.99 -4.20 -29.87
N ALA A 426 30.54 -3.33 -30.70
CA ALA A 426 31.92 -2.85 -30.49
C ALA A 426 32.00 -2.11 -29.13
N LYS A 427 31.01 -1.27 -28.87
CA LYS A 427 30.96 -0.51 -27.60
C LYS A 427 30.83 -1.42 -26.40
N ILE A 428 29.95 -2.40 -26.49
CA ILE A 428 29.74 -3.27 -25.32
C ILE A 428 31.00 -4.11 -25.08
N GLU A 429 31.76 -4.44 -26.13
CA GLU A 429 32.99 -5.22 -25.92
C GLU A 429 34.03 -4.41 -25.17
N ALA A 430 34.03 -3.11 -25.43
CA ALA A 430 34.99 -2.22 -24.76
C ALA A 430 34.58 -2.08 -23.29
N GLU A 431 33.29 -2.03 -23.07
CA GLU A 431 32.77 -1.92 -21.72
C GLU A 431 33.12 -3.19 -20.94
N ILE A 432 33.03 -4.36 -21.58
CA ILE A 432 33.39 -5.62 -20.94
C ILE A 432 34.87 -5.64 -20.51
N ALA A 433 35.75 -5.18 -21.40
CA ALA A 433 37.20 -5.13 -21.08
C ALA A 433 37.42 -4.25 -19.88
N ASP A 434 36.78 -3.09 -19.87
CA ASP A 434 36.95 -2.14 -18.75
C ASP A 434 36.46 -2.75 -17.42
N LEU A 435 35.29 -3.42 -17.45
CA LEU A 435 34.76 -4.07 -16.22
C LEU A 435 35.67 -5.19 -15.74
N GLU A 436 36.21 -5.99 -16.66
CA GLU A 436 37.19 -7.03 -16.33
C GLU A 436 38.42 -6.43 -15.64
N ASP A 437 38.87 -5.28 -16.13
CA ASP A 437 40.03 -4.61 -15.55
C ASP A 437 39.73 -4.15 -14.12
N ILE A 438 38.53 -3.64 -13.87
CA ILE A 438 38.17 -3.23 -12.48
C ILE A 438 38.20 -4.46 -11.55
N LEU A 439 37.61 -5.59 -11.97
CA LEU A 439 37.61 -6.79 -11.13
C LEU A 439 39.04 -7.28 -10.88
N ALA A 440 39.94 -7.07 -11.83
CA ALA A 440 41.32 -7.56 -11.68
C ALA A 440 42.21 -6.68 -10.80
N LYS A 441 41.74 -5.47 -10.44
CA LYS A 441 42.58 -4.46 -9.78
C LYS A 441 41.92 -3.93 -8.54
N PRO A 442 42.23 -4.55 -7.39
CA PRO A 442 41.70 -4.01 -6.14
C PRO A 442 41.95 -2.49 -5.97
N GLU A 443 43.09 -1.96 -6.40
CA GLU A 443 43.31 -0.52 -6.18
C GLU A 443 42.45 0.36 -7.12
N ARG A 444 42.06 -0.17 -8.28
CA ARG A 444 41.05 0.53 -9.10
C ARG A 444 39.71 0.60 -8.37
N GLN A 445 39.31 -0.50 -7.74
CA GLN A 445 38.07 -0.54 -6.98
C GLN A 445 38.11 0.48 -5.82
N ARG A 446 39.23 0.58 -5.10
CA ARG A 446 39.32 1.56 -4.04
C ARG A 446 39.25 2.95 -4.62
N GLY A 447 39.89 3.16 -5.77
CA GLY A 447 39.82 4.48 -6.42
C GLY A 447 38.37 4.87 -6.82
N ILE A 448 37.58 3.90 -7.26
CA ILE A 448 36.19 4.16 -7.59
C ILE A 448 35.37 4.62 -6.37
N VAL A 449 35.57 3.94 -5.24
CA VAL A 449 34.85 4.35 -4.01
C VAL A 449 35.29 5.78 -3.65
N ARG A 450 36.62 6.01 -3.64
CA ARG A 450 37.14 7.34 -3.33
C ARG A 450 36.51 8.40 -4.21
N ASP A 451 36.54 8.21 -5.54
CA ASP A 451 36.05 9.26 -6.44
C ASP A 451 34.53 9.47 -6.31
N GLU A 452 33.79 8.38 -6.16
CA GLU A 452 32.30 8.47 -6.02
C GLU A 452 31.94 9.15 -4.71
N LEU A 453 32.61 8.78 -3.61
CA LEU A 453 32.34 9.47 -2.34
C LEU A 453 32.73 10.97 -2.43
N ALA A 454 33.87 11.27 -3.07
CA ALA A 454 34.30 12.66 -3.20
C ALA A 454 33.23 13.48 -3.92
N GLU A 455 32.64 12.90 -4.97
CA GLU A 455 31.61 13.65 -5.70
C GLU A 455 30.39 13.90 -4.77
N ILE A 456 30.05 12.89 -3.97
CA ILE A 456 28.92 13.04 -3.04
C ILE A 456 29.22 14.16 -2.01
N VAL A 457 30.41 14.13 -1.42
CA VAL A 457 30.79 15.12 -0.37
C VAL A 457 30.91 16.49 -0.98
N ASP A 458 31.45 16.58 -2.21
CA ASP A 458 31.53 17.87 -2.87
C ASP A 458 30.14 18.52 -3.01
N ARG A 459 29.14 17.72 -3.37
CA ARG A 459 27.81 18.26 -3.63
C ARG A 459 27.00 18.44 -2.31
N HIS A 460 27.16 17.52 -1.34
CA HIS A 460 26.25 17.46 -0.17
C HIS A 460 26.87 17.78 1.18
N GLY A 461 28.20 17.93 1.21
CA GLY A 461 28.88 18.22 2.46
C GLY A 461 28.57 19.62 2.92
N ASP A 462 28.67 19.84 4.22
CA ASP A 462 28.42 21.18 4.74
C ASP A 462 29.37 21.50 5.92
N ASP A 463 29.25 22.72 6.40
CA ASP A 463 30.13 23.21 7.47
C ASP A 463 29.85 22.53 8.82
N ARG A 464 30.86 22.51 9.68
CA ARG A 464 30.64 22.04 11.06
C ARG A 464 29.69 23.01 11.76
N ARG A 465 28.76 22.48 12.57
CA ARG A 465 27.84 23.27 13.36
C ARG A 465 28.24 23.34 14.82
N THR A 466 28.66 22.22 15.38
CA THR A 466 28.99 22.18 16.83
C THR A 466 30.43 22.67 17.02
N ARG A 467 30.62 23.69 17.84
CA ARG A 467 31.96 24.20 18.07
CA ARG A 467 31.95 24.22 18.10
C ARG A 467 32.57 23.46 19.25
N ILE A 468 33.81 23.03 19.07
CA ILE A 468 34.53 22.35 20.13
C ILE A 468 35.45 23.32 20.86
N ILE A 469 35.26 23.45 22.15
CA ILE A 469 36.03 24.40 22.94
C ILE A 469 36.79 23.74 24.08
N ALA A 470 37.65 24.50 24.73
CA ALA A 470 38.51 23.98 25.76
C ALA A 470 37.73 23.75 27.04
N GLY B 8 -24.16 9.37 3.78
CA GLY B 8 -23.03 9.27 2.86
C GLY B 8 -22.07 8.18 3.33
N ARG B 9 -21.56 8.37 4.52
CA ARG B 9 -20.86 7.28 5.16
C ARG B 9 -21.93 6.45 5.87
N ALA B 10 -23.12 7.00 5.94
CA ALA B 10 -24.17 6.37 6.71
C ALA B 10 -25.11 5.59 5.79
N LEU B 11 -25.17 6.00 4.51
CA LEU B 11 -26.23 5.48 3.63
C LEU B 11 -25.64 4.86 2.37
N PRO B 12 -26.20 3.72 1.93
CA PRO B 12 -25.70 3.03 0.74
C PRO B 12 -26.17 3.74 -0.50
N GLU B 13 -25.35 3.69 -1.55
CA GLU B 13 -25.79 4.05 -2.90
C GLU B 13 -26.84 3.02 -3.44
N VAL B 14 -27.93 3.49 -4.06
CA VAL B 14 -28.97 2.57 -4.48
C VAL B 14 -28.48 1.58 -5.55
N ARG B 15 -27.51 2.01 -6.38
CA ARG B 15 -27.13 1.23 -7.58
C ARG B 15 -26.26 0.01 -7.26
N ASP B 16 -25.34 0.13 -6.30
CA ASP B 16 -24.48 -0.99 -5.95
C ASP B 16 -24.55 -1.43 -4.48
N GLY B 17 -25.40 -0.77 -3.66
CA GLY B 17 -25.65 -1.14 -2.27
C GLY B 17 -24.45 -0.83 -1.36
N LEU B 18 -23.45 -0.09 -1.84
CA LEU B 18 -22.21 0.12 -1.03
C LEU B 18 -22.11 1.53 -0.46
N LYS B 19 -21.31 1.63 0.60
CA LYS B 19 -20.86 2.91 1.13
C LYS B 19 -19.38 3.05 0.74
N PRO B 20 -18.83 4.26 0.86
CA PRO B 20 -17.50 4.44 0.30
C PRO B 20 -16.44 3.52 0.87
N VAL B 21 -16.40 3.28 2.18
CA VAL B 21 -15.28 2.47 2.65
C VAL B 21 -15.34 1.03 2.08
N HIS B 22 -16.54 0.46 1.93
CA HIS B 22 -16.64 -0.89 1.42
C HIS B 22 -16.27 -0.89 -0.05
N ARG B 23 -16.78 0.09 -0.81
CA ARG B 23 -16.48 0.16 -2.25
C ARG B 23 -14.94 0.26 -2.44
N ARG B 24 -14.30 1.09 -1.62
CA ARG B 24 -12.85 1.32 -1.78
C ARG B 24 -12.08 0.06 -1.48
N VAL B 25 -12.47 -0.65 -0.40
CA VAL B 25 -11.81 -1.93 -0.09
C VAL B 25 -11.95 -2.93 -1.27
N LEU B 26 -13.17 -3.13 -1.76
CA LEU B 26 -13.38 -4.08 -2.86
C LEU B 26 -12.58 -3.63 -4.11
N TYR B 27 -12.55 -2.34 -4.45
CA TYR B 27 -11.82 -1.89 -5.64
C TYR B 27 -10.31 -2.07 -5.42
N ALA B 28 -9.84 -1.78 -4.20
CA ALA B 28 -8.40 -1.97 -3.92
C ALA B 28 -8.04 -3.45 -4.13
N MET B 29 -8.84 -4.35 -3.62
CA MET B 29 -8.60 -5.80 -3.77
C MET B 29 -8.61 -6.20 -5.23
N PHE B 30 -9.57 -5.68 -5.98
CA PHE B 30 -9.69 -6.05 -7.37
C PHE B 30 -8.49 -5.56 -8.16
N ASP B 31 -8.15 -4.30 -7.98
CA ASP B 31 -7.03 -3.68 -8.66
C ASP B 31 -5.71 -4.37 -8.28
N SER B 32 -5.65 -4.94 -7.08
CA SER B 32 -4.44 -5.64 -6.61
C SER B 32 -4.34 -7.08 -7.18
N GLY B 33 -5.41 -7.55 -7.82
CA GLY B 33 -5.44 -8.92 -8.36
C GLY B 33 -5.79 -10.00 -7.35
N PHE B 34 -6.42 -9.60 -6.24
CA PHE B 34 -6.79 -10.55 -5.21
C PHE B 34 -8.09 -11.25 -5.55
N ARG B 35 -8.05 -12.05 -6.60
CA ARG B 35 -9.21 -12.74 -7.15
C ARG B 35 -9.41 -14.13 -6.56
N PRO B 36 -10.58 -14.71 -6.83
CA PRO B 36 -10.96 -16.02 -6.28
C PRO B 36 -10.08 -17.13 -6.76
N ASP B 37 -9.45 -16.94 -7.91
CA ASP B 37 -8.72 -18.03 -8.55
C ASP B 37 -7.23 -17.97 -8.24
N ARG B 38 -6.84 -17.10 -7.31
CA ARG B 38 -5.46 -16.97 -6.83
C ARG B 38 -5.43 -17.11 -5.32
N SER B 39 -4.26 -17.47 -4.78
CA SER B 39 -4.12 -17.68 -3.32
C SER B 39 -4.57 -16.43 -2.56
N HIS B 40 -5.09 -16.63 -1.35
CA HIS B 40 -5.46 -15.49 -0.52
C HIS B 40 -4.21 -14.63 -0.30
N ALA B 41 -4.44 -13.33 -0.12
CA ALA B 41 -3.33 -12.39 0.15
C ALA B 41 -3.44 -11.98 1.63
N LYS B 42 -2.32 -11.72 2.30
CA LYS B 42 -2.42 -11.24 3.68
C LYS B 42 -3.41 -10.07 3.67
N SER B 43 -4.25 -9.99 4.71
CA SER B 43 -5.21 -8.88 4.80
C SER B 43 -4.55 -7.50 4.87
N ALA B 44 -3.37 -7.45 5.49
CA ALA B 44 -2.58 -6.21 5.55
C ALA B 44 -2.39 -5.62 4.18
N ARG B 45 -2.27 -6.47 3.16
CA ARG B 45 -2.04 -5.93 1.82
C ARG B 45 -3.28 -5.17 1.31
N SER B 46 -4.47 -5.68 1.59
CA SER B 46 -5.69 -5.02 1.08
C SER B 46 -5.93 -3.79 1.90
N VAL B 47 -5.63 -3.85 3.20
CA VAL B 47 -5.80 -2.68 4.03
C VAL B 47 -4.84 -1.57 3.56
N ALA B 48 -3.56 -1.93 3.37
CA ALA B 48 -2.56 -0.95 2.91
C ALA B 48 -2.91 -0.32 1.55
N GLU B 49 -3.36 -1.13 0.60
CA GLU B 49 -3.66 -0.56 -0.72
C GLU B 49 -4.80 0.45 -0.59
N THR B 50 -5.79 0.09 0.25
CA THR B 50 -6.93 0.99 0.43
C THR B 50 -6.48 2.26 1.15
N MET B 51 -5.64 2.13 2.16
CA MET B 51 -5.19 3.28 2.95
C MET B 51 -4.34 4.25 2.10
N GLY B 52 -3.45 3.69 1.29
CA GLY B 52 -2.56 4.52 0.49
C GLY B 52 -3.23 5.28 -0.64
N ASN B 53 -4.27 4.68 -1.24
CA ASN B 53 -4.87 5.23 -2.43
C ASN B 53 -6.24 5.88 -2.22
N TYR B 54 -6.98 5.46 -1.22
CA TYR B 54 -8.40 5.87 -1.17
C TYR B 54 -8.86 6.40 0.17
N HIS B 55 -8.33 5.87 1.26
CA HIS B 55 -8.79 6.20 2.62
C HIS B 55 -7.57 6.37 3.55
N PRO B 56 -6.95 7.55 3.55
CA PRO B 56 -5.59 7.72 4.13
C PRO B 56 -5.62 7.99 5.63
N HIS B 57 -6.32 7.11 6.32
CA HIS B 57 -6.50 7.26 7.76
C HIS B 57 -6.04 5.92 8.35
N GLY B 58 -5.47 5.96 9.53
CA GLY B 58 -5.10 4.73 10.18
C GLY B 58 -6.17 4.33 11.16
N ASP B 59 -7.42 4.52 10.76
CA ASP B 59 -8.55 4.17 11.64
C ASP B 59 -8.98 2.71 11.37
N ALA B 60 -9.83 2.17 12.25
CA ALA B 60 -10.21 0.75 12.21
C ALA B 60 -11.15 0.39 11.07
N SER B 61 -11.77 1.39 10.45
CA SER B 61 -12.88 1.12 9.53
C SER B 61 -12.47 0.32 8.32
N ILE B 62 -11.22 0.46 7.87
CA ILE B 62 -10.82 -0.30 6.67
C ILE B 62 -10.84 -1.79 6.95
N TYR B 63 -10.09 -2.23 7.98
CA TYR B 63 -10.01 -3.64 8.24
C TYR B 63 -11.33 -4.13 8.77
N ASP B 64 -12.01 -3.31 9.58
CA ASP B 64 -13.36 -3.72 10.05
C ASP B 64 -14.31 -4.02 8.88
N SER B 65 -14.26 -3.23 7.82
CA SER B 65 -15.09 -3.43 6.63
C SER B 65 -14.71 -4.68 5.88
N LEU B 66 -13.42 -4.90 5.75
CA LEU B 66 -12.94 -6.11 5.09
C LEU B 66 -13.44 -7.34 5.86
N VAL B 67 -13.29 -7.32 7.18
CA VAL B 67 -13.72 -8.45 8.01
C VAL B 67 -15.23 -8.70 7.88
N ARG B 68 -16.02 -7.64 8.03
CA ARG B 68 -17.49 -7.82 8.03
C ARG B 68 -17.93 -8.42 6.70
N MET B 69 -17.28 -8.02 5.62
CA MET B 69 -17.69 -8.50 4.26
C MET B 69 -17.32 -9.96 4.03
N ALA B 70 -16.51 -10.51 4.95
CA ALA B 70 -16.08 -11.89 4.91
C ALA B 70 -16.91 -12.83 5.79
N GLN B 71 -17.85 -12.28 6.57
CA GLN B 71 -18.55 -13.11 7.59
C GLN B 71 -19.87 -13.63 7.03
N PRO B 72 -20.02 -14.96 6.94
CA PRO B 72 -21.29 -15.45 6.35
C PRO B 72 -22.48 -15.29 7.28
N TRP B 73 -22.30 -14.97 8.56
CA TRP B 73 -23.47 -14.63 9.38
C TRP B 73 -23.84 -13.17 9.21
N SER B 74 -22.92 -12.36 8.66
CA SER B 74 -23.15 -10.92 8.48
C SER B 74 -23.71 -10.59 7.11
N LEU B 75 -23.13 -11.14 6.05
CA LEU B 75 -23.63 -10.88 4.70
C LEU B 75 -24.30 -12.11 4.14
N ARG B 76 -25.51 -11.92 3.60
CA ARG B 76 -26.19 -13.00 2.96
C ARG B 76 -25.38 -13.59 1.78
N TYR B 77 -24.62 -12.72 1.07
CA TYR B 77 -23.74 -13.14 -0.03
C TYR B 77 -22.35 -12.49 0.20
N PRO B 78 -21.48 -13.18 0.96
CA PRO B 78 -20.17 -12.56 1.28
C PRO B 78 -19.42 -12.08 0.05
N LEU B 79 -18.76 -10.94 0.25
CA LEU B 79 -17.99 -10.33 -0.84
C LEU B 79 -16.48 -10.57 -0.65
N VAL B 80 -16.10 -11.00 0.55
CA VAL B 80 -14.68 -11.28 0.81
C VAL B 80 -14.62 -12.74 1.24
N ASP B 81 -13.59 -13.41 0.78
CA ASP B 81 -13.32 -14.79 1.14
C ASP B 81 -12.15 -14.75 2.07
N GLY B 82 -12.41 -14.89 3.37
CA GLY B 82 -11.35 -14.79 4.39
C GLY B 82 -10.77 -16.14 4.75
N GLN B 83 -9.52 -16.14 5.15
CA GLN B 83 -8.87 -17.31 5.68
C GLN B 83 -8.24 -16.90 7.01
N GLY B 84 -8.53 -17.67 8.05
CA GLY B 84 -8.04 -17.32 9.38
C GLY B 84 -9.20 -16.92 10.28
N ASN B 85 -8.87 -16.27 11.39
CA ASN B 85 -9.87 -15.99 12.41
C ASN B 85 -10.54 -14.66 12.14
N PHE B 86 -11.73 -14.74 11.52
CA PHE B 86 -12.55 -13.57 11.24
C PHE B 86 -13.68 -13.38 12.25
N GLY B 87 -13.47 -13.87 13.47
CA GLY B 87 -14.47 -13.74 14.51
C GLY B 87 -15.56 -14.79 14.41
N SER B 88 -16.71 -14.53 15.03
CA SER B 88 -17.81 -15.48 15.10
C SER B 88 -19.08 -14.68 15.31
N PRO B 89 -20.23 -15.36 15.28
CA PRO B 89 -21.51 -14.67 15.49
C PRO B 89 -21.65 -14.28 16.98
N GLY B 90 -20.67 -14.67 17.82
CA GLY B 90 -20.66 -14.27 19.23
C GLY B 90 -19.58 -13.20 19.47
N ASN B 91 -18.96 -13.22 20.65
CA ASN B 91 -17.97 -12.21 21.03
C ASN B 91 -16.49 -12.56 20.75
N ASP B 92 -16.21 -13.55 19.90
CA ASP B 92 -14.81 -13.89 19.56
C ASP B 92 -14.20 -12.81 18.68
N PRO B 93 -13.12 -12.16 19.16
CA PRO B 93 -12.59 -11.12 18.29
C PRO B 93 -11.82 -11.71 17.12
N PRO B 94 -11.90 -11.08 15.95
CA PRO B 94 -11.09 -11.41 14.78
C PRO B 94 -9.62 -11.22 15.11
N ALA B 95 -8.78 -11.98 14.41
CA ALA B 95 -7.32 -11.81 14.55
C ALA B 95 -6.90 -10.52 13.86
N ALA B 96 -5.69 -10.03 14.16
CA ALA B 96 -5.22 -8.82 13.50
C ALA B 96 -4.88 -9.06 12.03
N MET B 97 -4.78 -7.99 11.27
CA MET B 97 -4.64 -8.10 9.81
C MET B 97 -3.38 -8.78 9.34
N ARG B 98 -2.32 -8.81 10.13
CA ARG B 98 -1.16 -9.55 9.70
C ARG B 98 -1.32 -11.06 9.91
N TYR B 99 -2.34 -11.48 10.66
CA TYR B 99 -2.62 -12.92 10.88
C TYR B 99 -3.78 -13.52 10.07
N THR B 100 -4.41 -12.72 9.24
CA THR B 100 -5.49 -13.24 8.40
C THR B 100 -5.18 -12.99 6.93
N GLU B 101 -5.89 -13.69 6.04
CA GLU B 101 -5.72 -13.51 4.61
C GLU B 101 -7.08 -13.37 3.96
N ALA B 102 -7.12 -12.81 2.76
CA ALA B 102 -8.40 -12.44 2.15
C ALA B 102 -8.24 -12.28 0.66
N ARG B 103 -9.29 -12.63 -0.09
CA ARG B 103 -9.39 -12.30 -1.52
C ARG B 103 -10.87 -12.09 -1.83
N LEU B 104 -11.20 -11.65 -3.04
CA LEU B 104 -12.61 -11.44 -3.40
C LEU B 104 -13.29 -12.79 -3.59
N THR B 105 -14.60 -12.80 -3.36
CA THR B 105 -15.41 -13.97 -3.75
C THR B 105 -15.84 -13.85 -5.18
N PRO B 106 -16.35 -14.95 -5.73
CA PRO B 106 -16.83 -14.90 -7.13
C PRO B 106 -17.96 -13.86 -7.33
N LEU B 107 -18.85 -13.72 -6.35
CA LEU B 107 -19.90 -12.70 -6.47
C LEU B 107 -19.30 -11.27 -6.38
N ALA B 108 -18.27 -11.06 -5.59
CA ALA B 108 -17.65 -9.74 -5.59
C ALA B 108 -17.02 -9.51 -6.98
N MET B 109 -16.51 -10.56 -7.62
CA MET B 109 -16.02 -10.36 -9.00
C MET B 109 -17.14 -9.85 -9.94
N GLU B 110 -18.38 -10.23 -9.63
CA GLU B 110 -19.53 -9.81 -10.45
C GLU B 110 -19.85 -8.35 -10.11
N MET B 111 -19.53 -7.90 -8.87
CA MET B 111 -19.74 -6.47 -8.55
C MET B 111 -18.79 -5.61 -9.36
N LEU B 112 -17.60 -6.16 -9.66
CA LEU B 112 -16.53 -5.35 -10.28
C LEU B 112 -16.36 -5.63 -11.77
N ARG B 113 -17.20 -6.49 -12.32
CA ARG B 113 -17.00 -7.01 -13.68
C ARG B 113 -16.98 -5.88 -14.68
N GLU B 114 -15.93 -5.88 -15.51
CA GLU B 114 -15.77 -4.94 -16.62
C GLU B 114 -15.74 -3.51 -16.14
N ILE B 115 -15.33 -3.32 -14.87
CA ILE B 115 -15.17 -1.96 -14.38
C ILE B 115 -14.06 -1.21 -15.13
N ASP B 116 -13.17 -1.94 -15.82
CA ASP B 116 -12.15 -1.30 -16.64
C ASP B 116 -12.60 -0.95 -18.09
N GLU B 117 -13.90 -1.04 -18.35
CA GLU B 117 -14.43 -0.77 -19.68
C GLU B 117 -15.33 0.45 -19.66
N GLU B 118 -15.00 1.38 -18.78
CA GLU B 118 -15.66 2.67 -18.76
C GLU B 118 -17.16 2.51 -18.51
N THR B 119 -17.49 1.55 -17.65
CA THR B 119 -18.90 1.20 -17.36
C THR B 119 -19.47 2.07 -16.25
N VAL B 120 -18.59 2.71 -15.48
CA VAL B 120 -19.03 3.55 -14.36
C VAL B 120 -18.15 4.80 -14.33
N ASP B 121 -18.64 5.87 -13.73
CA ASP B 121 -17.89 7.11 -13.63
C ASP B 121 -16.81 6.97 -12.57
N PHE B 122 -15.58 7.41 -12.89
CA PHE B 122 -14.45 7.48 -11.91
C PHE B 122 -14.17 8.95 -11.65
N ILE B 123 -13.62 9.26 -10.48
CA ILE B 123 -13.25 10.62 -10.12
C ILE B 123 -11.86 10.55 -9.44
N PRO B 124 -11.13 11.69 -9.38
CA PRO B 124 -9.83 11.69 -8.72
C PRO B 124 -9.99 11.27 -7.26
N ASN B 125 -8.98 10.58 -6.76
CA ASN B 125 -8.94 10.20 -5.36
C ASN B 125 -8.49 11.38 -4.49
N TYR B 126 -8.17 11.11 -3.23
CA TYR B 126 -7.96 12.18 -2.25
C TYR B 126 -6.79 13.10 -2.58
N ASP B 127 -5.76 12.56 -3.26
CA ASP B 127 -4.59 13.40 -3.57
C ASP B 127 -4.48 13.66 -5.07
N GLY B 128 -5.52 13.27 -5.79
CA GLY B 128 -5.56 13.51 -7.22
C GLY B 128 -4.61 12.64 -8.06
N ARG B 129 -3.89 11.71 -7.45
CA ARG B 129 -2.88 10.92 -8.19
C ARG B 129 -3.49 9.74 -8.97
N VAL B 130 -4.64 9.22 -8.52
CA VAL B 130 -5.29 8.10 -9.20
C VAL B 130 -6.82 8.34 -9.23
N GLN B 131 -7.52 7.57 -10.05
CA GLN B 131 -8.97 7.65 -10.13
C GLN B 131 -9.60 6.55 -9.27
N GLU B 132 -10.80 6.77 -8.76
CA GLU B 132 -11.50 5.69 -8.04
C GLU B 132 -12.94 5.66 -8.50
N PRO B 133 -13.60 4.48 -8.44
CA PRO B 133 -14.96 4.43 -8.98
C PRO B 133 -16.01 5.13 -8.07
N THR B 134 -17.00 5.84 -8.66
CA THR B 134 -18.08 6.44 -7.86
C THR B 134 -19.10 5.36 -7.46
N VAL B 135 -19.13 4.26 -8.22
CA VAL B 135 -20.13 3.21 -8.05
C VAL B 135 -19.54 2.00 -8.76
N LEU B 136 -19.92 0.78 -8.36
CA LEU B 136 -19.45 -0.41 -9.04
C LEU B 136 -20.50 -0.94 -10.06
N PRO B 137 -20.03 -1.68 -11.06
CA PRO B 137 -21.01 -2.22 -12.03
C PRO B 137 -22.14 -2.99 -11.37
N SER B 138 -21.84 -3.76 -10.31
CA SER B 138 -22.86 -4.45 -9.49
C SER B 138 -23.74 -5.33 -10.36
N ARG B 139 -23.13 -6.32 -11.00
CA ARG B 139 -23.88 -7.17 -11.95
C ARG B 139 -24.89 -8.14 -11.28
N PHE B 140 -25.07 -8.04 -9.96
CA PHE B 140 -26.26 -8.61 -9.28
C PHE B 140 -26.75 -7.55 -8.28
N PRO B 141 -28.02 -7.64 -7.83
CA PRO B 141 -28.63 -6.52 -7.08
C PRO B 141 -28.17 -6.55 -5.63
N ASN B 142 -26.96 -6.06 -5.43
CA ASN B 142 -26.34 -6.17 -4.13
C ASN B 142 -27.05 -5.46 -2.99
N LEU B 143 -27.58 -4.25 -3.24
CA LEU B 143 -28.26 -3.54 -2.15
C LEU B 143 -29.35 -4.44 -1.53
N LEU B 144 -30.27 -4.94 -2.37
CA LEU B 144 -31.29 -5.82 -1.86
C LEU B 144 -30.74 -7.17 -1.42
N ALA B 145 -29.70 -7.69 -2.06
CA ALA B 145 -29.28 -9.06 -1.72
C ALA B 145 -28.60 -9.04 -0.33
N ASN B 146 -27.68 -8.08 -0.10
CA ASN B 146 -26.95 -8.04 1.16
C ASN B 146 -27.50 -7.06 2.20
N GLY B 147 -28.37 -6.16 1.76
CA GLY B 147 -29.01 -5.20 2.67
C GLY B 147 -27.99 -4.14 3.11
N SER B 148 -28.38 -3.33 4.09
CA SER B 148 -27.48 -2.25 4.54
C SER B 148 -27.97 -1.77 5.88
N GLY B 149 -27.07 -1.27 6.73
CA GLY B 149 -27.47 -0.83 8.06
C GLY B 149 -27.70 -2.01 8.98
N GLY B 150 -28.71 -1.89 9.85
CA GLY B 150 -28.97 -2.96 10.79
C GLY B 150 -30.04 -2.67 11.80
N ILE B 151 -30.30 -3.63 12.68
CA ILE B 151 -31.31 -3.49 13.72
C ILE B 151 -30.84 -2.65 14.93
N ALA B 152 -29.56 -2.33 14.96
CA ALA B 152 -28.98 -1.59 16.10
C ALA B 152 -29.52 -0.16 16.18
N VAL B 153 -29.79 0.32 17.38
CA VAL B 153 -30.21 1.72 17.55
C VAL B 153 -29.13 2.63 16.98
N GLY B 154 -29.55 3.65 16.23
CA GLY B 154 -28.62 4.59 15.64
C GLY B 154 -28.26 4.33 14.18
N MET B 155 -28.67 3.17 13.67
CA MET B 155 -28.50 2.85 12.25
C MET B 155 -29.38 3.80 11.46
N ALA B 156 -28.82 4.48 10.45
CA ALA B 156 -29.60 5.51 9.73
C ALA B 156 -30.53 4.87 8.66
N THR B 157 -30.21 3.64 8.29
CA THR B 157 -30.99 2.89 7.29
C THR B 157 -31.06 1.46 7.78
N ASN B 158 -32.00 0.66 7.27
CA ASN B 158 -32.05 -0.74 7.70
C ASN B 158 -32.77 -1.51 6.59
N ILE B 159 -32.01 -1.85 5.59
CA ILE B 159 -32.52 -2.62 4.45
C ILE B 159 -32.12 -4.07 4.67
N PRO B 160 -33.11 -4.97 4.70
CA PRO B 160 -32.79 -6.37 4.97
C PRO B 160 -32.19 -7.04 3.74
N PRO B 161 -31.44 -8.15 3.95
CA PRO B 161 -30.96 -8.97 2.81
C PRO B 161 -32.11 -9.80 2.22
N HIS B 162 -31.89 -10.31 1.03
CA HIS B 162 -32.91 -11.02 0.25
C HIS B 162 -32.28 -12.18 -0.51
N ASN B 163 -33.11 -13.08 -1.02
CA ASN B 163 -32.65 -14.26 -1.72
C ASN B 163 -32.32 -13.88 -3.18
N LEU B 164 -31.12 -14.20 -3.64
CA LEU B 164 -30.69 -13.80 -4.99
C LEU B 164 -31.66 -14.29 -6.08
N ARG B 165 -32.09 -15.54 -6.00
CA ARG B 165 -32.96 -16.08 -7.04
C ARG B 165 -34.30 -15.29 -7.09
N GLU B 166 -34.88 -14.95 -5.94
CA GLU B 166 -36.12 -14.17 -5.93
C GLU B 166 -35.90 -12.80 -6.51
N LEU B 167 -34.81 -12.12 -6.08
CA LEU B 167 -34.50 -10.81 -6.61
C LEU B 167 -34.36 -10.92 -8.10
N ALA B 168 -33.69 -11.97 -8.59
CA ALA B 168 -33.47 -12.02 -10.05
C ALA B 168 -34.80 -12.17 -10.77
N ASP B 169 -35.74 -12.94 -10.22
CA ASP B 169 -37.09 -13.09 -10.84
C ASP B 169 -37.72 -11.69 -10.95
N ALA B 170 -37.61 -10.89 -9.89
CA ALA B 170 -38.19 -9.55 -9.93
C ALA B 170 -37.46 -8.68 -10.95
N VAL B 171 -36.13 -8.76 -10.98
CA VAL B 171 -35.35 -7.98 -11.98
C VAL B 171 -35.74 -8.38 -13.42
N PHE B 172 -35.83 -9.68 -13.67
CA PHE B 172 -36.23 -10.16 -15.02
C PHE B 172 -37.64 -9.65 -15.38
N TRP B 173 -38.56 -9.64 -14.40
CA TRP B 173 -39.90 -9.16 -14.65
C TRP B 173 -39.85 -7.69 -15.05
N ALA B 174 -39.12 -6.85 -14.29
CA ALA B 174 -39.07 -5.41 -14.54
C ALA B 174 -38.39 -5.14 -15.90
N LEU B 175 -37.37 -5.94 -16.25
CA LEU B 175 -36.69 -5.84 -17.55
C LEU B 175 -37.61 -6.09 -18.69
N GLU B 176 -38.32 -7.22 -18.62
CA GLU B 176 -39.28 -7.61 -19.68
C GLU B 176 -40.45 -6.64 -19.75
N ASN B 177 -40.96 -6.22 -18.59
CA ASN B 177 -42.16 -5.39 -18.52
C ASN B 177 -41.73 -3.91 -18.39
N HIS B 178 -40.98 -3.44 -19.38
CA HIS B 178 -40.40 -2.13 -19.33
C HIS B 178 -41.39 -0.98 -19.44
N ASP B 179 -42.63 -1.25 -19.88
CA ASP B 179 -43.67 -0.20 -19.93
C ASP B 179 -44.56 -0.20 -18.69
N ALA B 180 -44.36 -1.11 -17.72
CA ALA B 180 -45.34 -1.27 -16.63
C ALA B 180 -45.27 -0.07 -15.67
N ASP B 181 -46.43 0.40 -15.19
CA ASP B 181 -46.42 1.54 -14.28
C ASP B 181 -46.01 1.09 -12.87
N GLU B 182 -45.94 2.05 -11.94
CA GLU B 182 -45.43 1.73 -10.62
C GLU B 182 -46.33 0.75 -9.88
N GLU B 183 -47.66 0.90 -10.00
CA GLU B 183 -48.56 0.02 -9.26
C GLU B 183 -48.40 -1.40 -9.74
N GLU B 184 -48.31 -1.58 -11.07
CA GLU B 184 -48.24 -2.93 -11.64
C GLU B 184 -46.88 -3.53 -11.28
N THR B 185 -45.85 -2.70 -11.33
CA THR B 185 -44.46 -3.19 -11.06
C THR B 185 -44.33 -3.59 -9.60
N LEU B 186 -44.91 -2.79 -8.71
CA LEU B 186 -44.88 -3.11 -7.27
C LEU B 186 -45.59 -4.41 -7.00
N ALA B 187 -46.79 -4.63 -7.56
CA ALA B 187 -47.40 -5.89 -7.34
C ALA B 187 -46.59 -7.06 -7.89
N ALA B 188 -45.96 -6.92 -9.07
CA ALA B 188 -45.21 -8.05 -9.66
C ALA B 188 -43.96 -8.35 -8.84
N VAL B 189 -43.26 -7.33 -8.38
CA VAL B 189 -42.01 -7.59 -7.65
C VAL B 189 -42.31 -8.11 -6.21
N MET B 190 -43.44 -7.65 -5.64
CA MET B 190 -43.84 -8.17 -4.33
C MET B 190 -44.38 -9.61 -4.44
N GLY B 191 -44.90 -10.01 -5.61
CA GLY B 191 -45.23 -11.41 -5.80
C GLY B 191 -44.00 -12.30 -5.86
N ARG B 192 -42.85 -11.74 -6.29
CA ARG B 192 -41.66 -12.54 -6.54
C ARG B 192 -40.67 -12.50 -5.35
N VAL B 193 -40.60 -11.37 -4.68
CA VAL B 193 -39.69 -11.24 -3.52
C VAL B 193 -40.54 -11.54 -2.27
N LYS B 194 -40.39 -12.73 -1.70
CA LYS B 194 -41.36 -13.15 -0.66
C LYS B 194 -41.18 -12.39 0.67
N GLY B 195 -39.97 -11.83 0.87
CA GLY B 195 -39.64 -11.23 2.14
C GLY B 195 -38.12 -11.26 2.25
N PRO B 196 -37.58 -10.70 3.31
CA PRO B 196 -36.11 -10.84 3.56
C PRO B 196 -35.67 -12.30 3.61
N ASP B 197 -34.39 -12.57 3.34
CA ASP B 197 -33.88 -13.93 3.49
C ASP B 197 -32.55 -13.72 4.23
N PHE B 198 -32.56 -13.96 5.52
CA PHE B 198 -31.36 -13.65 6.31
C PHE B 198 -30.30 -14.76 6.23
N PRO B 199 -29.00 -14.39 6.37
CA PRO B 199 -27.93 -15.39 6.31
C PRO B 199 -28.09 -16.38 7.47
N THR B 200 -28.66 -15.87 8.57
CA THR B 200 -28.87 -16.62 9.79
C THR B 200 -30.16 -17.48 9.81
N ALA B 201 -30.88 -17.52 8.70
CA ALA B 201 -32.10 -18.36 8.57
C ALA B 201 -33.22 -17.89 9.53
N GLY B 202 -33.70 -18.76 10.41
CA GLY B 202 -34.76 -18.37 11.34
C GLY B 202 -36.09 -18.22 10.60
N LEU B 203 -37.00 -17.42 11.17
CA LEU B 203 -38.40 -17.33 10.76
C LEU B 203 -38.78 -15.86 10.68
N ILE B 204 -39.71 -15.54 9.78
CA ILE B 204 -40.38 -14.27 9.80
C ILE B 204 -41.83 -14.67 10.10
N VAL B 205 -42.43 -13.96 11.03
CA VAL B 205 -43.80 -14.31 11.52
C VAL B 205 -44.69 -13.12 11.20
N GLY B 206 -45.71 -13.38 10.40
CA GLY B 206 -46.65 -12.33 9.98
C GLY B 206 -46.34 -11.81 8.58
N SER B 207 -47.34 -11.21 7.93
CA SER B 207 -47.20 -10.71 6.58
C SER B 207 -47.19 -9.19 6.52
N GLN B 208 -47.70 -8.52 7.54
CA GLN B 208 -47.96 -7.10 7.36
C GLN B 208 -46.67 -6.27 7.31
N GLY B 209 -45.69 -6.62 8.19
CA GLY B 209 -44.47 -5.82 8.27
C GLY B 209 -43.72 -5.82 6.93
N THR B 210 -43.66 -6.99 6.29
CA THR B 210 -43.00 -7.12 4.99
C THR B 210 -43.75 -6.28 3.93
N ALA B 211 -45.10 -6.38 3.90
CA ALA B 211 -45.85 -5.64 2.94
C ALA B 211 -45.61 -4.15 3.16
N ASP B 212 -45.68 -3.70 4.42
CA ASP B 212 -45.46 -2.30 4.75
C ASP B 212 -44.09 -1.85 4.23
N ALA B 213 -43.08 -2.66 4.51
CA ALA B 213 -41.71 -2.29 4.08
C ALA B 213 -41.62 -2.10 2.55
N TYR B 214 -42.23 -3.02 1.82
CA TYR B 214 -42.14 -2.93 0.35
C TYR B 214 -43.01 -1.85 -0.29
N LYS B 215 -44.15 -1.59 0.35
CA LYS B 215 -45.10 -0.62 -0.19
C LYS B 215 -44.75 0.82 0.19
N THR B 216 -44.10 0.98 1.36
CA THR B 216 -43.93 2.33 1.94
C THR B 216 -42.51 2.64 2.28
N GLY B 217 -41.64 1.64 2.31
CA GLY B 217 -40.25 1.91 2.69
C GLY B 217 -40.01 1.72 4.20
N ARG B 218 -41.05 1.54 5.00
CA ARG B 218 -40.86 1.24 6.44
C ARG B 218 -41.83 0.15 6.87
N GLY B 219 -41.36 -0.81 7.67
CA GLY B 219 -42.26 -1.76 8.30
C GLY B 219 -41.57 -2.54 9.38
N SER B 220 -42.35 -3.13 10.28
CA SER B 220 -41.78 -3.86 11.41
CA SER B 220 -41.80 -3.88 11.41
C SER B 220 -41.93 -5.36 11.13
N ILE B 221 -40.80 -6.01 10.90
CA ILE B 221 -40.79 -7.42 10.48
C ILE B 221 -40.39 -8.31 11.64
N ARG B 222 -41.33 -9.10 12.11
CA ARG B 222 -41.09 -9.89 13.31
CA ARG B 222 -41.08 -9.89 13.31
C ARG B 222 -40.23 -11.10 12.99
N MET B 223 -39.05 -11.17 13.57
CA MET B 223 -38.22 -12.34 13.37
C MET B 223 -38.21 -13.28 14.60
N ARG B 224 -38.01 -14.58 14.37
CA ARG B 224 -37.85 -15.54 15.47
C ARG B 224 -36.80 -16.57 15.14
N GLY B 225 -36.12 -17.09 16.15
CA GLY B 225 -35.23 -18.23 15.96
C GLY B 225 -36.02 -19.51 15.92
N VAL B 226 -35.31 -20.62 16.05
CA VAL B 226 -35.95 -21.92 15.95
C VAL B 226 -35.59 -22.71 17.18
N VAL B 227 -36.60 -23.34 17.79
CA VAL B 227 -36.42 -24.16 18.98
C VAL B 227 -36.92 -25.56 18.68
N GLU B 228 -36.12 -26.56 19.00
CA GLU B 228 -36.50 -27.95 18.88
C GLU B 228 -36.75 -28.47 20.30
N VAL B 229 -37.55 -29.52 20.47
CA VAL B 229 -37.76 -30.08 21.80
C VAL B 229 -37.13 -31.46 21.92
N GLU B 230 -36.33 -31.66 22.96
CA GLU B 230 -35.74 -32.97 23.18
C GLU B 230 -36.16 -33.59 24.51
N GLU B 231 -36.22 -34.91 24.54
CA GLU B 231 -36.52 -35.67 25.75
C GLU B 231 -35.23 -36.23 26.35
N ASP B 232 -35.20 -36.32 27.67
CA ASP B 232 -34.11 -36.99 28.36
C ASP B 232 -34.65 -38.35 28.80
N SER B 233 -33.75 -39.20 29.30
CA SER B 233 -34.12 -40.52 29.77
C SER B 233 -34.78 -40.36 31.12
N ARG B 234 -34.18 -39.52 31.96
CA ARG B 234 -34.71 -39.26 33.28
C ARG B 234 -35.99 -38.44 33.20
N GLY B 235 -36.56 -38.36 32.00
CA GLY B 235 -37.86 -37.75 31.77
C GLY B 235 -37.80 -36.24 31.65
N ARG B 236 -36.59 -35.70 31.61
CA ARG B 236 -36.42 -34.26 31.64
C ARG B 236 -36.36 -33.71 30.22
N THR B 237 -37.18 -32.70 29.91
CA THR B 237 -37.22 -32.17 28.56
C THR B 237 -36.44 -30.87 28.43
N SER B 238 -35.86 -30.67 27.25
CA SER B 238 -35.01 -29.52 27.02
C SER B 238 -35.46 -28.85 25.73
N LEU B 239 -35.28 -27.53 25.69
CA LEU B 239 -35.51 -26.76 24.49
C LEU B 239 -34.16 -26.57 23.88
N VAL B 240 -34.06 -26.67 22.57
CA VAL B 240 -32.77 -26.57 21.90
C VAL B 240 -32.89 -25.49 20.83
N ILE B 241 -32.18 -24.39 21.04
CA ILE B 241 -32.20 -23.29 20.08
C ILE B 241 -31.13 -23.55 19.02
N THR B 242 -31.57 -23.63 17.77
CA THR B 242 -30.70 -23.95 16.65
C THR B 242 -30.52 -22.82 15.65
N GLU B 243 -31.37 -21.80 15.74
CA GLU B 243 -31.29 -20.63 14.87
C GLU B 243 -31.75 -19.43 15.64
N LEU B 244 -31.20 -18.27 15.30
CA LEU B 244 -31.54 -17.01 15.95
C LEU B 244 -31.83 -15.97 14.89
N PRO B 245 -32.55 -14.92 15.27
CA PRO B 245 -32.78 -13.83 14.31
C PRO B 245 -31.51 -13.15 13.83
N TYR B 246 -31.59 -12.51 12.68
CA TYR B 246 -30.48 -11.77 12.08
C TYR B 246 -29.88 -10.77 13.06
N GLN B 247 -28.54 -10.70 13.10
CA GLN B 247 -27.78 -9.75 13.94
C GLN B 247 -27.95 -9.94 15.44
N VAL B 248 -28.46 -11.09 15.87
CA VAL B 248 -28.52 -11.36 17.31
C VAL B 248 -27.22 -12.08 17.71
N ASN B 249 -26.45 -11.44 18.59
CA ASN B 249 -25.15 -11.95 19.00
C ASN B 249 -25.31 -13.23 19.85
N HIS B 250 -24.70 -14.33 19.43
CA HIS B 250 -24.94 -15.62 20.15
C HIS B 250 -24.55 -15.57 21.62
N ASP B 251 -23.43 -14.91 21.92
CA ASP B 251 -22.96 -14.85 23.32
C ASP B 251 -23.83 -13.95 24.19
N ASN B 252 -24.23 -12.82 23.64
CA ASN B 252 -25.09 -11.92 24.39
C ASN B 252 -26.44 -12.56 24.61
N PHE B 253 -26.88 -13.37 23.64
CA PHE B 253 -28.15 -14.07 23.84
C PHE B 253 -28.07 -15.09 25.01
N ILE B 254 -27.06 -15.94 25.00
CA ILE B 254 -26.87 -16.94 26.06
C ILE B 254 -26.80 -16.26 27.41
N THR B 255 -26.02 -15.19 27.48
CA THR B 255 -25.90 -14.38 28.69
C THR B 255 -27.26 -13.85 29.16
N SER B 256 -28.07 -13.36 28.23
CA SER B 256 -29.35 -12.77 28.59
C SER B 256 -30.28 -13.79 29.23
N ILE B 257 -30.20 -15.05 28.84
CA ILE B 257 -31.08 -16.05 29.41
C ILE B 257 -30.73 -16.23 30.89
N ALA B 258 -29.45 -16.48 31.16
CA ALA B 258 -28.93 -16.57 32.54
C ALA B 258 -29.41 -15.38 33.37
N GLU B 259 -29.17 -14.18 32.89
CA GLU B 259 -29.55 -12.96 33.59
C GLU B 259 -31.04 -12.78 33.78
N GLN B 260 -31.86 -13.20 32.83
CA GLN B 260 -33.30 -13.06 32.99
C GLN B 260 -33.74 -14.05 34.09
N VAL B 261 -33.06 -15.20 34.17
CA VAL B 261 -33.45 -16.28 35.07
C VAL B 261 -33.27 -15.79 36.50
N ARG B 262 -32.14 -15.13 36.71
CA ARG B 262 -31.81 -14.56 38.00
C ARG B 262 -32.80 -13.46 38.37
N ASP B 263 -33.04 -12.55 37.43
CA ASP B 263 -33.94 -11.43 37.67
C ASP B 263 -35.37 -11.90 37.87
N GLY B 264 -35.58 -13.21 37.84
CA GLY B 264 -36.88 -13.76 38.19
C GLY B 264 -37.80 -14.04 37.03
N LYS B 265 -37.40 -13.69 35.82
CA LYS B 265 -38.17 -14.09 34.66
C LYS B 265 -37.71 -15.49 34.29
N LEU B 266 -38.46 -16.17 33.45
CA LEU B 266 -38.03 -17.47 32.94
C LEU B 266 -37.96 -18.50 34.06
N ALA B 267 -39.03 -18.63 34.82
CA ALA B 267 -38.99 -19.46 36.01
C ALA B 267 -39.02 -20.94 35.64
N GLY B 268 -39.26 -21.25 34.38
CA GLY B 268 -39.40 -22.65 33.98
C GLY B 268 -38.08 -23.34 33.72
N ILE B 269 -36.99 -22.58 33.78
CA ILE B 269 -35.72 -23.06 33.28
C ILE B 269 -34.83 -23.57 34.42
N SER B 270 -34.34 -24.79 34.30
CA SER B 270 -33.48 -25.39 35.32
C SER B 270 -32.00 -25.41 34.94
N ASN B 271 -31.70 -25.27 33.66
CA ASN B 271 -30.30 -25.37 33.27
C ASN B 271 -30.05 -24.87 31.85
N ILE B 272 -28.88 -24.28 31.63
CA ILE B 272 -28.48 -23.77 30.32
C ILE B 272 -27.10 -24.26 29.98
N GLU B 273 -26.95 -24.78 28.77
CA GLU B 273 -25.65 -25.26 28.31
C GLU B 273 -25.47 -25.00 26.84
N ASP B 274 -24.33 -24.40 26.49
CA ASP B 274 -24.02 -24.18 25.10
C ASP B 274 -23.32 -25.41 24.57
N GLN B 275 -24.01 -26.13 23.71
CA GLN B 275 -23.45 -27.30 23.03
C GLN B 275 -23.09 -27.04 21.57
N SER B 276 -22.87 -25.78 21.23
CA SER B 276 -22.64 -25.44 19.82
C SER B 276 -21.30 -25.96 19.38
N SER B 277 -21.18 -26.29 18.11
CA SER B 277 -19.87 -26.68 17.57
C SER B 277 -19.82 -26.54 16.07
N ASP B 278 -18.62 -26.70 15.52
CA ASP B 278 -18.42 -26.64 14.09
C ASP B 278 -19.28 -27.65 13.33
N ARG B 279 -19.57 -28.80 13.93
CA ARG B 279 -20.32 -29.82 13.21
C ARG B 279 -21.86 -29.74 13.37
N VAL B 280 -22.36 -29.28 14.51
CA VAL B 280 -23.82 -29.25 14.74
C VAL B 280 -24.37 -27.84 14.59
N GLY B 281 -23.47 -26.88 14.35
CA GLY B 281 -23.84 -25.47 14.34
C GLY B 281 -24.35 -25.03 15.71
N LEU B 282 -25.20 -24.00 15.71
CA LEU B 282 -25.73 -23.42 16.94
C LEU B 282 -26.61 -24.45 17.66
N ARG B 283 -26.37 -24.64 18.95
CA ARG B 283 -27.16 -25.60 19.71
C ARG B 283 -27.12 -25.26 21.18
N ILE B 284 -28.01 -24.36 21.58
CA ILE B 284 -28.10 -23.91 22.97
C ILE B 284 -29.21 -24.72 23.66
N VAL B 285 -28.84 -25.46 24.71
CA VAL B 285 -29.72 -26.45 25.29
C VAL B 285 -30.25 -25.96 26.62
N ILE B 286 -31.56 -25.79 26.71
CA ILE B 286 -32.20 -25.21 27.88
C ILE B 286 -33.10 -26.24 28.53
N GLU B 287 -32.65 -26.80 29.66
CA GLU B 287 -33.43 -27.75 30.42
C GLU B 287 -34.54 -26.99 31.16
N ILE B 288 -35.75 -27.55 31.15
CA ILE B 288 -36.87 -26.94 31.86
C ILE B 288 -37.27 -27.85 32.99
N LYS B 289 -37.97 -27.30 33.98
CA LYS B 289 -38.38 -28.04 35.18
C LYS B 289 -39.48 -29.05 34.88
N ARG B 290 -39.49 -30.16 35.62
CA ARG B 290 -40.49 -31.18 35.33
C ARG B 290 -41.90 -30.58 35.40
N ASP B 291 -42.04 -29.48 36.13
CA ASP B 291 -43.34 -28.84 36.33
C ASP B 291 -43.71 -27.89 35.18
N ALA B 292 -42.73 -27.51 34.37
CA ALA B 292 -42.92 -26.48 33.35
C ALA B 292 -43.47 -27.04 32.03
N VAL B 293 -44.15 -26.21 31.26
CA VAL B 293 -44.66 -26.62 29.95
C VAL B 293 -43.72 -26.04 28.87
N ALA B 294 -43.17 -26.89 28.01
CA ALA B 294 -42.24 -26.45 26.96
C ALA B 294 -42.75 -25.24 26.19
N LYS B 295 -44.00 -25.33 25.74
CA LYS B 295 -44.61 -24.30 24.95
C LYS B 295 -44.66 -22.95 25.70
N VAL B 296 -44.94 -23.00 27.00
CA VAL B 296 -44.98 -21.78 27.83
C VAL B 296 -43.60 -21.20 27.97
N VAL B 297 -42.60 -22.06 28.17
CA VAL B 297 -41.25 -21.54 28.34
C VAL B 297 -40.79 -20.90 27.03
N ILE B 298 -41.08 -21.51 25.88
CA ILE B 298 -40.72 -20.92 24.61
C ILE B 298 -41.32 -19.52 24.46
N ASN B 299 -42.58 -19.33 24.81
CA ASN B 299 -43.20 -18.01 24.65
C ASN B 299 -42.54 -16.97 25.58
N ASN B 300 -42.14 -17.37 26.78
CA ASN B 300 -41.44 -16.43 27.68
C ASN B 300 -40.07 -16.06 27.14
N LEU B 301 -39.43 -17.00 26.47
CA LEU B 301 -38.18 -16.70 25.79
C LEU B 301 -38.43 -15.64 24.68
N TYR B 302 -39.56 -15.72 23.98
CA TYR B 302 -39.82 -14.76 22.90
C TYR B 302 -39.92 -13.37 23.53
N LYS B 303 -40.53 -13.33 24.72
CA LYS B 303 -40.82 -12.07 25.39
C LYS B 303 -39.62 -11.43 26.00
N HIS B 304 -38.78 -12.24 26.66
CA HIS B 304 -37.73 -11.67 27.48
C HIS B 304 -36.34 -11.74 26.88
N THR B 305 -36.22 -12.30 25.66
CA THR B 305 -34.92 -12.39 25.02
C THR B 305 -35.03 -12.07 23.55
N GLN B 306 -33.89 -12.03 22.88
CA GLN B 306 -33.93 -11.80 21.45
C GLN B 306 -34.26 -13.03 20.62
N LEU B 307 -34.70 -14.12 21.25
CA LEU B 307 -35.20 -15.25 20.46
C LEU B 307 -36.29 -14.78 19.52
N GLN B 308 -37.08 -13.77 19.93
CA GLN B 308 -37.93 -13.03 18.98
C GLN B 308 -37.51 -11.58 19.00
N THR B 309 -37.22 -10.99 17.87
CA THR B 309 -36.89 -9.56 17.82
C THR B 309 -37.40 -8.97 16.52
N SER B 310 -37.72 -7.69 16.53
CA SER B 310 -38.26 -7.01 15.35
C SER B 310 -37.16 -6.43 14.49
N PHE B 311 -37.31 -6.54 13.19
CA PHE B 311 -36.40 -5.95 12.22
C PHE B 311 -37.14 -4.69 11.75
N GLY B 312 -36.70 -3.51 12.18
CA GLY B 312 -37.42 -2.28 11.77
C GLY B 312 -36.90 -1.84 10.42
N ALA B 313 -37.53 -2.31 9.35
CA ALA B 313 -37.04 -2.01 8.01
C ALA B 313 -37.22 -0.52 7.72
N ASN B 314 -36.19 0.08 7.10
CA ASN B 314 -36.19 1.50 6.76
C ASN B 314 -35.39 1.59 5.48
N MET B 315 -36.08 1.68 4.34
CA MET B 315 -35.42 1.37 3.07
C MET B 315 -34.87 2.66 2.52
N LEU B 316 -33.80 3.12 3.15
CA LEU B 316 -33.29 4.47 2.90
C LEU B 316 -31.96 4.34 2.15
N ALA B 317 -31.87 4.95 0.97
CA ALA B 317 -30.64 4.82 0.15
C ALA B 317 -30.41 6.11 -0.65
N ILE B 318 -29.20 6.28 -1.14
CA ILE B 318 -28.87 7.47 -1.89
C ILE B 318 -29.19 7.25 -3.37
N VAL B 319 -29.92 8.20 -3.97
CA VAL B 319 -30.35 8.11 -5.38
C VAL B 319 -29.93 9.39 -6.02
N ASP B 320 -29.02 9.33 -6.99
CA ASP B 320 -28.50 10.54 -7.60
C ASP B 320 -28.14 11.56 -6.56
N GLY B 321 -27.47 11.12 -5.48
CA GLY B 321 -26.89 12.05 -4.52
C GLY B 321 -27.83 12.49 -3.42
N VAL B 322 -29.09 12.09 -3.50
CA VAL B 322 -30.08 12.48 -2.51
C VAL B 322 -30.62 11.26 -1.74
N PRO B 323 -30.63 11.32 -0.40
CA PRO B 323 -31.29 10.23 0.34
C PRO B 323 -32.78 10.13 0.06
N ARG B 324 -33.27 8.92 -0.20
CA ARG B 324 -34.69 8.69 -0.47
CA ARG B 324 -34.67 8.69 -0.50
C ARG B 324 -35.15 7.43 0.20
N THR B 325 -36.41 7.43 0.68
CA THR B 325 -36.98 6.24 1.27
C THR B 325 -37.77 5.57 0.14
N LEU B 326 -37.47 4.32 -0.17
CA LEU B 326 -37.88 3.78 -1.47
C LEU B 326 -38.78 2.57 -1.26
N ARG B 327 -39.70 2.38 -2.23
CA ARG B 327 -40.53 1.19 -2.27
C ARG B 327 -39.77 0.10 -3.01
N LEU B 328 -40.23 -1.14 -2.95
CA LEU B 328 -39.52 -2.22 -3.61
C LEU B 328 -39.47 -2.05 -5.12
N ASP B 329 -40.53 -1.56 -5.75
CA ASP B 329 -40.48 -1.35 -7.22
C ASP B 329 -39.38 -0.35 -7.58
N GLN B 330 -39.18 0.67 -6.75
CA GLN B 330 -38.16 1.69 -7.04
C GLN B 330 -36.75 1.12 -6.87
N LEU B 331 -36.55 0.31 -5.83
CA LEU B 331 -35.22 -0.30 -5.61
C LEU B 331 -34.90 -1.16 -6.81
N ILE B 332 -35.92 -1.89 -7.30
CA ILE B 332 -35.68 -2.80 -8.44
C ILE B 332 -35.46 -2.01 -9.69
N ARG B 333 -36.32 -1.03 -10.00
CA ARG B 333 -36.17 -0.24 -11.20
C ARG B 333 -34.86 0.61 -11.26
N TYR B 334 -34.46 1.22 -10.14
CA TYR B 334 -33.18 1.98 -10.18
C TYR B 334 -32.00 1.01 -10.45
N TYR B 335 -32.09 -0.19 -9.91
CA TYR B 335 -31.06 -1.19 -10.16
C TYR B 335 -31.04 -1.60 -11.66
N VAL B 336 -32.21 -1.88 -12.22
CA VAL B 336 -32.30 -2.17 -13.64
C VAL B 336 -31.76 -1.02 -14.48
N ASP B 337 -32.09 0.24 -14.15
CA ASP B 337 -31.58 1.38 -14.90
C ASP B 337 -30.05 1.36 -14.89
N HIS B 338 -29.48 1.08 -13.72
CA HIS B 338 -28.00 0.97 -13.62
C HIS B 338 -27.44 -0.13 -14.56
N GLN B 339 -28.04 -1.33 -14.55
CA GLN B 339 -27.54 -2.40 -15.39
C GLN B 339 -27.61 -1.96 -16.88
N LEU B 340 -28.70 -1.37 -17.31
CA LEU B 340 -28.80 -0.93 -18.72
C LEU B 340 -27.74 0.15 -19.01
N ASP B 341 -27.51 1.06 -18.06
CA ASP B 341 -26.42 2.05 -18.21
C ASP B 341 -25.05 1.33 -18.38
N VAL B 342 -24.77 0.34 -17.51
CA VAL B 342 -23.47 -0.38 -17.55
C VAL B 342 -23.32 -1.07 -18.94
N ILE B 343 -24.41 -1.67 -19.44
CA ILE B 343 -24.32 -2.37 -20.73
C ILE B 343 -24.11 -1.42 -21.90
N VAL B 344 -24.84 -0.32 -21.93
CA VAL B 344 -24.72 0.65 -23.02
C VAL B 344 -23.26 1.22 -22.94
N ARG B 345 -22.81 1.56 -21.75
CA ARG B 345 -21.44 2.11 -21.60
C ARG B 345 -20.40 1.10 -22.03
N ARG B 346 -20.59 -0.16 -21.69
CA ARG B 346 -19.57 -1.17 -21.99
C ARG B 346 -19.49 -1.38 -23.53
N THR B 347 -20.65 -1.37 -24.16
CA THR B 347 -20.73 -1.59 -25.61
C THR B 347 -20.12 -0.39 -26.32
N THR B 348 -20.34 0.81 -25.80
CA THR B 348 -19.74 2.04 -26.36
C THR B 348 -18.23 1.97 -26.28
N TYR B 349 -17.70 1.61 -25.10
CA TYR B 349 -16.25 1.44 -24.91
C TYR B 349 -15.71 0.39 -25.92
N ARG B 350 -16.33 -0.78 -25.97
CA ARG B 350 -15.84 -1.88 -26.80
C ARG B 350 -15.85 -1.45 -28.27
N LEU B 351 -16.85 -0.68 -28.66
CA LEU B 351 -16.94 -0.27 -30.05
C LEU B 351 -15.78 0.68 -30.38
N ARG B 352 -15.48 1.62 -29.48
CA ARG B 352 -14.40 2.56 -29.71
C ARG B 352 -13.11 1.78 -29.78
N LYS B 353 -12.88 0.82 -28.88
CA LYS B 353 -11.59 0.11 -28.89
C LYS B 353 -11.49 -0.78 -30.14
N ALA B 354 -12.62 -1.34 -30.58
CA ALA B 354 -12.64 -2.25 -31.73
C ALA B 354 -12.30 -1.42 -32.98
N ASN B 355 -12.84 -0.22 -33.07
CA ASN B 355 -12.54 0.65 -34.19
C ASN B 355 -11.05 1.04 -34.21
N GLU B 356 -10.46 1.29 -33.04
CA GLU B 356 -9.02 1.61 -33.01
C GLU B 356 -8.18 0.41 -33.46
N ARG B 357 -8.55 -0.76 -32.98
CA ARG B 357 -7.84 -1.97 -33.32
C ARG B 357 -7.97 -2.24 -34.83
N ALA B 358 -9.19 -2.11 -35.38
CA ALA B 358 -9.41 -2.35 -36.79
C ALA B 358 -8.55 -1.39 -37.62
N HIS B 359 -8.46 -0.13 -37.18
CA HIS B 359 -7.71 0.87 -37.93
C HIS B 359 -6.26 0.39 -38.05
N ILE B 360 -5.69 -0.02 -36.92
CA ILE B 360 -4.30 -0.58 -36.95
C ILE B 360 -4.20 -1.83 -37.83
N LEU B 361 -5.12 -2.79 -37.67
CA LEU B 361 -5.03 -4.03 -38.48
C LEU B 361 -5.15 -3.71 -40.00
N ARG B 362 -5.97 -2.73 -40.37
CA ARG B 362 -6.07 -2.40 -41.81
C ARG B 362 -4.70 -1.98 -42.35
N GLY B 363 -3.97 -1.21 -41.56
CA GLY B 363 -2.62 -0.81 -41.95
C GLY B 363 -1.69 -2.00 -42.06
N LEU B 364 -1.76 -2.90 -41.06
CA LEU B 364 -0.91 -4.10 -41.10
C LEU B 364 -1.23 -4.94 -42.33
N VAL B 365 -2.52 -5.08 -42.69
CA VAL B 365 -2.89 -5.91 -43.84
C VAL B 365 -2.39 -5.23 -45.12
N LYS B 366 -2.45 -3.91 -45.21
CA LYS B 366 -1.88 -3.24 -46.39
C LYS B 366 -0.38 -3.56 -46.50
N ALA B 367 0.29 -3.58 -45.37
CA ALA B 367 1.73 -3.86 -45.36
C ALA B 367 2.00 -5.29 -45.83
N LEU B 368 1.20 -6.22 -45.31
CA LEU B 368 1.34 -7.61 -45.74
C LEU B 368 1.10 -7.72 -47.27
N ASP B 369 0.12 -6.97 -47.80
CA ASP B 369 -0.19 -7.03 -49.25
C ASP B 369 0.93 -6.45 -50.09
N ALA B 370 1.79 -5.64 -49.46
CA ALA B 370 2.93 -5.03 -50.15
C ALA B 370 4.25 -5.36 -49.41
N LEU B 371 4.37 -6.59 -48.94
CA LEU B 371 5.40 -6.85 -47.93
C LEU B 371 6.81 -6.70 -48.50
N ASP B 372 7.06 -7.16 -49.74
CA ASP B 372 8.39 -7.04 -50.31
C ASP B 372 8.76 -5.55 -50.40
N GLU B 373 7.81 -4.75 -50.85
CA GLU B 373 8.05 -3.32 -51.04
C GLU B 373 8.24 -2.62 -49.69
N VAL B 374 7.45 -3.00 -48.71
CA VAL B 374 7.58 -2.39 -47.37
C VAL B 374 8.94 -2.70 -46.78
N ILE B 375 9.33 -3.97 -46.78
CA ILE B 375 10.62 -4.31 -46.23
C ILE B 375 11.78 -3.61 -46.97
N ALA B 376 11.71 -3.56 -48.30
CA ALA B 376 12.79 -2.94 -49.07
C ALA B 376 12.83 -1.44 -48.77
N LEU B 377 11.66 -0.83 -48.62
CA LEU B 377 11.59 0.61 -48.35
C LEU B 377 12.24 0.90 -46.97
N ILE B 378 11.93 0.07 -45.99
CA ILE B 378 12.47 0.30 -44.64
C ILE B 378 14.00 0.13 -44.70
N ARG B 379 14.49 -0.94 -45.34
CA ARG B 379 15.95 -1.16 -45.38
C ARG B 379 16.63 -0.06 -46.18
N ALA B 380 15.94 0.53 -47.15
CA ALA B 380 16.58 1.56 -48.01
C ALA B 380 16.59 2.93 -47.34
N SER B 381 15.77 3.08 -46.31
CA SER B 381 15.64 4.34 -45.59
C SER B 381 16.79 4.54 -44.63
N GLU B 382 17.39 5.73 -44.63
CA GLU B 382 18.53 5.94 -43.78
C GLU B 382 18.10 5.98 -42.31
N THR B 383 16.90 6.49 -42.02
CA THR B 383 16.50 6.64 -40.62
C THR B 383 15.05 6.19 -40.46
N VAL B 384 14.67 5.99 -39.21
CA VAL B 384 13.31 5.53 -38.91
C VAL B 384 12.30 6.58 -39.35
N ASP B 385 12.58 7.87 -39.17
CA ASP B 385 11.62 8.91 -39.61
C ASP B 385 11.42 8.90 -41.14
N ILE B 386 12.50 8.65 -41.89
CA ILE B 386 12.40 8.58 -43.34
C ILE B 386 11.58 7.34 -43.74
N ALA B 387 11.83 6.21 -43.12
CA ALA B 387 11.01 5.02 -43.39
C ALA B 387 9.54 5.32 -43.06
N ARG B 388 9.28 6.01 -41.94
CA ARG B 388 7.87 6.22 -41.51
C ARG B 388 7.16 7.04 -42.58
N ALA B 389 7.81 8.11 -43.01
CA ALA B 389 7.27 8.97 -44.08
C ALA B 389 7.07 8.16 -45.36
N GLY B 390 8.03 7.29 -45.67
CA GLY B 390 7.98 6.52 -46.89
C GLY B 390 6.79 5.56 -46.85
N LEU B 391 6.50 5.00 -45.68
CA LEU B 391 5.38 4.03 -45.54
C LEU B 391 4.04 4.74 -45.69
N ILE B 392 3.95 5.94 -45.17
CA ILE B 392 2.72 6.71 -45.30
C ILE B 392 2.41 6.97 -46.77
N GLU B 393 3.44 7.30 -47.55
CA GLU B 393 3.24 7.55 -48.95
C GLU B 393 2.97 6.27 -49.72
N LEU B 394 3.72 5.21 -49.42
CA LEU B 394 3.62 3.97 -50.17
C LEU B 394 2.26 3.34 -50.03
N LEU B 395 1.78 3.28 -48.77
CA LEU B 395 0.54 2.56 -48.46
C LEU B 395 -0.71 3.42 -48.30
N ASP B 396 -0.58 4.76 -48.35
CA ASP B 396 -1.71 5.67 -48.11
C ASP B 396 -2.34 5.41 -46.72
N ILE B 397 -1.52 5.59 -45.69
CA ILE B 397 -1.90 5.35 -44.31
C ILE B 397 -1.53 6.55 -43.48
N ASP B 398 -1.88 6.54 -42.22
CA ASP B 398 -1.59 7.68 -41.39
C ASP B 398 -0.46 7.33 -40.42
N GLU B 399 -0.10 8.29 -39.57
CA GLU B 399 1.03 8.15 -38.67
C GLU B 399 0.89 6.95 -37.73
N ILE B 400 -0.26 6.81 -37.12
CA ILE B 400 -0.42 5.76 -36.13
C ILE B 400 -0.32 4.37 -36.80
N GLN B 401 -0.86 4.25 -38.02
CA GLN B 401 -0.74 2.99 -38.78
C GLN B 401 0.71 2.67 -39.16
N ALA B 402 1.40 3.70 -39.60
CA ALA B 402 2.81 3.52 -40.02
C ALA B 402 3.67 3.13 -38.82
N GLN B 403 3.41 3.72 -37.67
CA GLN B 403 4.17 3.39 -36.49
C GLN B 403 3.94 1.91 -36.12
N ALA B 404 2.70 1.43 -36.27
CA ALA B 404 2.40 0.04 -35.97
C ALA B 404 3.14 -0.92 -36.88
N ILE B 405 3.33 -0.54 -38.15
CA ILE B 405 4.11 -1.37 -39.07
C ILE B 405 5.55 -1.40 -38.58
N LEU B 406 6.10 -0.24 -38.30
CA LEU B 406 7.47 -0.14 -37.85
C LEU B 406 7.70 -0.90 -36.52
N ASP B 407 6.64 -1.06 -35.73
CA ASP B 407 6.74 -1.74 -34.44
C ASP B 407 6.51 -3.24 -34.56
N MET B 408 6.14 -3.71 -35.75
CA MET B 408 5.94 -5.15 -35.94
C MET B 408 7.24 -5.89 -35.75
N GLN B 409 7.19 -6.98 -35.03
CA GLN B 409 8.35 -7.85 -34.88
C GLN B 409 8.50 -8.83 -36.01
N LEU B 410 9.74 -9.26 -36.27
CA LEU B 410 9.99 -10.12 -37.42
C LEU B 410 9.19 -11.43 -37.28
N ARG B 411 8.96 -11.88 -36.05
CA ARG B 411 8.16 -13.10 -35.83
C ARG B 411 6.78 -12.99 -36.49
N ARG B 412 6.26 -11.77 -36.65
CA ARG B 412 4.88 -11.61 -37.19
C ARG B 412 4.85 -11.93 -38.68
N LEU B 413 6.00 -12.18 -39.29
CA LEU B 413 6.04 -12.42 -40.73
C LEU B 413 6.01 -13.93 -41.04
N ALA B 414 5.99 -14.79 -40.01
CA ALA B 414 5.89 -16.24 -40.31
C ALA B 414 4.47 -16.44 -40.91
N ALA B 415 4.28 -17.41 -41.79
CA ALA B 415 3.00 -17.53 -42.51
C ALA B 415 1.80 -17.55 -41.58
N LEU B 416 1.86 -18.36 -40.53
CA LEU B 416 0.76 -18.41 -39.58
C LEU B 416 0.45 -17.10 -38.90
N GLU B 417 1.49 -16.29 -38.69
CA GLU B 417 1.27 -15.00 -38.03
C GLU B 417 0.70 -13.95 -38.99
N ARG B 418 1.05 -14.03 -40.26
CA ARG B 418 0.48 -13.15 -41.29
C ARG B 418 -1.01 -13.48 -41.35
N GLN B 419 -1.33 -14.77 -41.39
CA GLN B 419 -2.74 -15.14 -41.48
C GLN B 419 -3.47 -14.68 -40.22
N ARG B 420 -2.80 -14.69 -39.08
CA ARG B 420 -3.49 -14.32 -37.85
C ARG B 420 -3.92 -12.85 -37.91
N ILE B 421 -3.09 -11.99 -38.51
CA ILE B 421 -3.46 -10.58 -38.67
C ILE B 421 -4.68 -10.40 -39.58
N ILE B 422 -4.68 -11.07 -40.72
CA ILE B 422 -5.81 -11.10 -41.64
C ILE B 422 -7.08 -11.61 -40.93
N ASP B 423 -6.98 -12.75 -40.23
CA ASP B 423 -8.13 -13.32 -39.52
C ASP B 423 -8.60 -12.35 -38.44
N ASP B 424 -7.67 -11.69 -37.77
CA ASP B 424 -8.07 -10.79 -36.68
C ASP B 424 -8.83 -9.57 -37.22
N LEU B 425 -8.45 -9.08 -38.40
CA LEU B 425 -9.20 -7.98 -39.00
C LEU B 425 -10.64 -8.42 -39.35
N ALA B 426 -10.81 -9.58 -39.98
CA ALA B 426 -12.18 -10.05 -40.30
C ALA B 426 -13.00 -10.16 -38.99
N LYS B 427 -12.37 -10.70 -37.95
CA LYS B 427 -13.07 -10.93 -36.68
C LYS B 427 -13.48 -9.61 -36.04
N ILE B 428 -12.57 -8.64 -36.06
CA ILE B 428 -12.86 -7.35 -35.42
C ILE B 428 -13.93 -6.60 -36.23
N GLU B 429 -13.95 -6.72 -37.56
CA GLU B 429 -15.02 -6.06 -38.28
C GLU B 429 -16.37 -6.70 -37.99
N ALA B 430 -16.40 -8.00 -37.72
CA ALA B 430 -17.67 -8.62 -37.34
C ALA B 430 -18.08 -8.14 -35.93
N GLU B 431 -17.10 -8.04 -35.03
CA GLU B 431 -17.37 -7.52 -33.69
C GLU B 431 -17.95 -6.10 -33.74
N ILE B 432 -17.37 -5.23 -34.54
CA ILE B 432 -17.85 -3.85 -34.69
C ILE B 432 -19.30 -3.84 -35.16
N ALA B 433 -19.62 -4.66 -36.18
CA ALA B 433 -21.00 -4.76 -36.65
C ALA B 433 -21.95 -5.18 -35.52
N ASP B 434 -21.51 -6.14 -34.70
CA ASP B 434 -22.41 -6.61 -33.62
C ASP B 434 -22.62 -5.52 -32.56
N LEU B 435 -21.55 -4.79 -32.23
CA LEU B 435 -21.62 -3.79 -31.16
C LEU B 435 -22.50 -2.63 -31.63
N GLU B 436 -22.37 -2.26 -32.90
CA GLU B 436 -23.25 -1.24 -33.46
C GLU B 436 -24.71 -1.64 -33.32
N ASP B 437 -24.98 -2.90 -33.59
CA ASP B 437 -26.36 -3.42 -33.50
C ASP B 437 -26.90 -3.40 -32.07
N ILE B 438 -26.07 -3.70 -31.08
CA ILE B 438 -26.51 -3.67 -29.69
C ILE B 438 -26.86 -2.24 -29.30
N LEU B 439 -26.04 -1.27 -29.67
CA LEU B 439 -26.33 0.15 -29.41
C LEU B 439 -27.66 0.63 -30.05
N ALA B 440 -28.00 0.08 -31.20
CA ALA B 440 -29.20 0.50 -31.98
C ALA B 440 -30.47 -0.17 -31.44
N LYS B 441 -30.30 -1.23 -30.66
CA LYS B 441 -31.45 -2.06 -30.27
C LYS B 441 -31.61 -2.25 -28.76
N PRO B 442 -32.49 -1.47 -28.13
CA PRO B 442 -32.75 -1.58 -26.70
C PRO B 442 -33.18 -3.00 -26.30
N GLU B 443 -33.85 -3.71 -27.20
CA GLU B 443 -34.22 -5.10 -26.92
C GLU B 443 -32.99 -5.99 -26.71
N ARG B 444 -31.94 -5.81 -27.50
CA ARG B 444 -30.68 -6.55 -27.26
C ARG B 444 -30.02 -6.15 -25.95
N GLN B 445 -30.11 -4.88 -25.59
CA GLN B 445 -29.52 -4.42 -24.36
C GLN B 445 -30.22 -5.06 -23.14
N ARG B 446 -31.55 -5.07 -23.17
CA ARG B 446 -32.31 -5.73 -22.11
C ARG B 446 -31.96 -7.19 -22.13
N GLY B 447 -31.78 -7.78 -23.31
CA GLY B 447 -31.55 -9.22 -23.37
C GLY B 447 -30.17 -9.56 -22.74
N ILE B 448 -29.22 -8.63 -22.87
CA ILE B 448 -27.87 -8.87 -22.32
C ILE B 448 -27.91 -8.86 -20.81
N VAL B 449 -28.62 -7.90 -20.23
CA VAL B 449 -28.76 -7.83 -18.76
C VAL B 449 -29.41 -9.13 -18.33
N ARG B 450 -30.49 -9.52 -19.01
CA ARG B 450 -31.17 -10.74 -18.62
C ARG B 450 -30.25 -11.95 -18.66
N ASP B 451 -29.56 -12.16 -19.77
CA ASP B 451 -28.78 -13.38 -19.94
C ASP B 451 -27.58 -13.43 -18.98
N GLU B 452 -26.93 -12.29 -18.79
CA GLU B 452 -25.71 -12.24 -17.94
C GLU B 452 -26.14 -12.45 -16.48
N LEU B 453 -27.26 -11.86 -16.07
CA LEU B 453 -27.71 -12.05 -14.67
C LEU B 453 -28.17 -13.49 -14.49
N ALA B 454 -28.86 -14.06 -15.49
CA ALA B 454 -29.30 -15.43 -15.38
C ALA B 454 -28.11 -16.35 -15.17
N GLU B 455 -27.00 -16.10 -15.86
CA GLU B 455 -25.83 -16.97 -15.70
C GLU B 455 -25.26 -16.85 -14.27
N ILE B 456 -25.24 -15.62 -13.77
CA ILE B 456 -24.75 -15.34 -12.40
C ILE B 456 -25.63 -16.10 -11.40
N VAL B 457 -26.93 -15.99 -11.55
CA VAL B 457 -27.87 -16.65 -10.61
C VAL B 457 -27.80 -18.19 -10.74
N ASP B 458 -27.61 -18.70 -11.96
CA ASP B 458 -27.50 -20.15 -12.14
C ASP B 458 -26.26 -20.66 -11.36
N ARG B 459 -25.18 -19.90 -11.37
CA ARG B 459 -23.95 -20.36 -10.71
C ARG B 459 -23.95 -20.10 -9.20
N HIS B 460 -24.51 -18.96 -8.77
CA HIS B 460 -24.25 -18.46 -7.39
C HIS B 460 -25.51 -18.32 -6.55
N GLY B 461 -26.66 -18.52 -7.17
CA GLY B 461 -27.93 -18.50 -6.44
C GLY B 461 -28.02 -19.66 -5.44
N ASP B 462 -28.80 -19.48 -4.37
CA ASP B 462 -28.96 -20.56 -3.40
C ASP B 462 -30.39 -20.58 -2.83
N ASP B 463 -30.68 -21.59 -2.00
CA ASP B 463 -32.05 -21.77 -1.49
C ASP B 463 -32.39 -20.67 -0.46
N ARG B 464 -33.69 -20.40 -0.28
CA ARG B 464 -34.15 -19.54 0.82
C ARG B 464 -33.79 -20.18 2.14
N ARG B 465 -33.30 -19.36 3.08
CA ARG B 465 -32.97 -19.87 4.43
C ARG B 465 -34.04 -19.50 5.46
N THR B 466 -34.58 -18.28 5.38
CA THR B 466 -35.57 -17.83 6.38
C THR B 466 -36.94 -18.26 5.96
N ARG B 467 -37.64 -18.97 6.83
CA ARG B 467 -38.98 -19.44 6.51
C ARG B 467 -39.99 -18.39 6.94
N ILE B 468 -41.00 -18.19 6.10
CA ILE B 468 -42.00 -17.16 6.36
C ILE B 468 -43.33 -17.80 6.76
N ILE B 469 -43.86 -17.30 7.86
CA ILE B 469 -45.13 -17.74 8.43
C ILE B 469 -46.12 -16.56 8.44
N ALA B 470 -47.15 -16.61 7.62
CA ALA B 470 -48.16 -15.55 7.64
C ALA B 470 -48.97 -15.52 8.94
C1 GOL C . 12.78 19.86 5.32
O1 GOL C . 11.63 20.09 4.49
C2 GOL C . 13.12 18.37 5.40
O2 GOL C . 12.14 17.55 5.99
C3 GOL C . 14.55 17.96 5.79
O3 GOL C . 14.84 17.16 4.66
C1 GOL D . 17.22 6.82 12.06
O1 GOL D . 17.05 7.72 13.12
C2 GOL D . 18.71 6.63 11.85
O2 GOL D . 19.40 7.11 13.01
C3 GOL D . 18.94 7.38 10.53
O3 GOL D . 20.19 7.15 9.90
C1 GOL E . 15.77 -6.30 5.96
O1 GOL E . 15.29 -7.61 6.14
C2 GOL E . 15.14 -5.45 7.05
O2 GOL E . 15.34 -4.06 6.88
C3 GOL E . 15.72 -6.04 8.32
O3 GOL E . 16.05 -7.39 8.06
C1 GOL F . 0.07 -3.70 -0.85
O1 GOL F . 0.05 -4.97 -1.51
C2 GOL F . 0.40 -2.63 -1.92
O2 GOL F . 1.76 -2.63 -2.39
C3 GOL F . 0.05 -1.24 -1.37
O3 GOL F . 0.64 -1.10 -0.10
C1 GOL G . -16.97 -16.12 3.17
O1 GOL G . -16.59 -15.83 1.84
C2 GOL G . -15.83 -16.70 4.03
O2 GOL G . -14.99 -15.61 4.42
C3 GOL G . -15.05 -17.80 3.28
O3 GOL G . -13.94 -18.25 4.06
C1 GOL H . -24.01 -4.46 3.27
O1 GOL H . -23.89 -3.44 4.25
C2 GOL H . -22.62 -4.89 2.86
O2 GOL H . -21.71 -4.33 3.81
C3 GOL H . -22.27 -4.38 1.48
O3 GOL H . -22.98 -5.15 0.51
C1 GOL I . -49.49 -1.10 -17.38
O1 GOL I . -48.85 -0.97 -16.11
C2 GOL I . -48.56 -0.73 -18.53
O2 GOL I . -48.10 0.57 -18.29
C3 GOL I . -49.22 -0.70 -19.90
O3 GOL I . -48.30 -1.05 -20.92
#